data_8IL3
#
_entry.id   8IL3
#
_cell.length_a   1.00
_cell.length_b   1.00
_cell.length_c   1.00
_cell.angle_alpha   90.00
_cell.angle_beta   90.00
_cell.angle_gamma   90.00
#
_symmetry.space_group_name_H-M   'P 1'
#
loop_
_entity.id
_entity.type
_entity.pdbx_description
1 polymer 'Light chain'
2 polymer 'Heavy chain'
3 polymer 'ADP-ribosyl cyclase/cyclic ADP-ribose hydrolase 1'
#
loop_
_entity_poly.entity_id
_entity_poly.type
_entity_poly.pdbx_seq_one_letter_code
_entity_poly.pdbx_strand_id
1 'polypeptide(L)'
;DIVLTQSPASLAVSPGQRATITCRASESVDNFGITFMHWYQQKPGQPPKLLIYRASNLESGVPARFSGSGSRTDFTLTIN
PVEANDTANYYCQQSSKDPRTFGQGTKLEIKRTVAAPSVFIFPPSDEQLKSGTASVVCLLNNFYPREAKVQWKVDNALQS
GNSQESVTEQDSKDSTYSLSSTLTLSKADYEKHKVYACEVTHQGLSSPVTKSFNRGEC
;
A
2 'polypeptide(L)'
;QVQLVQSGSELKKPGASVKVSCKASGYTFTDYNVHWIRQAPGQGLEWIGYFYPRNGATHYNQKFTGRAVLSADTSVSTAY
LQISSLKAEDTAVYFCARGETPGTFPYWGQGTLVTVSSASTKGPSVFPLAPSSKSTSGGTAALGCLVKDYFPEPVTVSWN
SGALTSGVHTFPAVLQSSGLYSLSSVVTVPSSSLGTQTYICNVNHKPSNTKVDKK
;
B
3 'polypeptide(L)'
;QQWSGPGTTKRFPETVLARCVKYTEIHPEMRHVDCQSVWDAFKGAFISKHPCNITEEDYQPLMKLGTQTVPCNKILLWSR
IKDLAHQFTQVQRDMFTLEDTLLGYLADDLTWCGEFNTSKINYQSCPDWRKDCSNNPVSVFWKTVSRRFAEAACDVVHVM
LNGSRSKIFDKNSTFGSVEVHNLQPEKVQTLEAWVIHGGREDSRDLCQDPTIKELESIISKRNIQFSCKNIY
;
C
#
# COMPACT_ATOMS: atom_id res chain seq x y z
N ASP A 1 -1.39 20.75 5.88
CA ASP A 1 -0.83 19.75 4.99
C ASP A 1 -0.21 20.39 3.77
N ILE A 2 -0.01 19.58 2.75
CA ILE A 2 0.09 20.05 1.37
C ILE A 2 -1.21 19.58 0.72
N VAL A 3 -1.88 20.49 0.02
CA VAL A 3 -3.13 20.13 -0.64
C VAL A 3 -2.90 20.02 -2.14
N LEU A 4 -3.30 18.90 -2.71
CA LEU A 4 -3.07 18.61 -4.11
C LEU A 4 -4.40 18.38 -4.79
N THR A 5 -4.56 18.92 -6.00
CA THR A 5 -5.81 18.79 -6.74
C THR A 5 -5.51 18.33 -8.15
N GLN A 6 -6.29 17.37 -8.64
CA GLN A 6 -6.02 16.75 -9.93
C GLN A 6 -6.67 17.53 -11.06
N SER A 7 -5.83 18.02 -11.97
CA SER A 7 -6.26 19.01 -12.96
C SER A 7 -7.12 18.51 -14.14
N PRO A 8 -7.02 17.27 -14.67
CA PRO A 8 -8.15 16.80 -15.48
C PRO A 8 -9.17 16.07 -14.62
N ALA A 9 -10.43 16.50 -14.71
CA ALA A 9 -11.45 15.93 -13.84
C ALA A 9 -12.02 14.65 -14.43
N SER A 10 -11.92 14.47 -15.75
CA SER A 10 -12.41 13.27 -16.42
C SER A 10 -11.66 13.12 -17.74
N LEU A 11 -11.75 11.92 -18.30
CA LEU A 11 -11.22 11.63 -19.63
C LEU A 11 -12.10 10.61 -20.33
N ALA A 12 -12.09 10.65 -21.66
CA ALA A 12 -12.83 9.69 -22.48
C ALA A 12 -12.04 9.48 -23.76
N VAL A 13 -11.18 8.45 -23.75
CA VAL A 13 -10.24 8.19 -24.84
C VAL A 13 -10.55 6.82 -25.43
N SER A 14 -10.65 6.77 -26.76
CA SER A 14 -10.72 5.49 -27.47
C SER A 14 -9.35 4.81 -27.44
N PRO A 15 -9.30 3.47 -27.48
CA PRO A 15 -8.00 2.79 -27.41
C PRO A 15 -7.17 2.92 -28.68
N GLY A 16 -5.86 2.85 -28.50
CA GLY A 16 -4.93 3.20 -29.55
C GLY A 16 -4.51 4.65 -29.55
N GLN A 17 -5.16 5.49 -28.76
CA GLN A 17 -4.81 6.90 -28.62
C GLN A 17 -4.21 7.12 -27.25
N ARG A 18 -3.71 8.33 -27.02
CA ARG A 18 -3.03 8.62 -25.77
C ARG A 18 -3.89 9.44 -24.83
N ALA A 19 -3.49 9.48 -23.56
CA ALA A 19 -4.16 10.24 -22.52
C ALA A 19 -3.12 10.93 -21.66
N THR A 20 -3.55 11.92 -20.87
CA THR A 20 -2.67 12.64 -19.96
C THR A 20 -3.46 13.00 -18.69
N ILE A 21 -3.08 12.40 -17.56
CA ILE A 21 -3.76 12.60 -16.28
C ILE A 21 -2.79 13.32 -15.35
N THR A 22 -2.85 14.65 -15.32
CA THR A 22 -1.81 15.40 -14.54
C THR A 22 -2.34 15.94 -13.22
N CYS A 23 -1.46 16.50 -12.39
CA CYS A 23 -1.88 17.14 -11.11
C CYS A 23 -0.94 18.30 -10.80
N ARG A 24 -1.31 19.16 -9.85
CA ARG A 24 -0.48 20.37 -9.55
C ARG A 24 -0.32 20.59 -8.05
N ALA A 25 0.92 20.54 -7.56
CA ALA A 25 1.24 20.80 -6.16
C ALA A 25 1.23 22.30 -5.89
N SER A 26 0.97 22.65 -4.62
CA SER A 26 1.01 24.04 -4.18
C SER A 26 2.42 24.55 -3.93
N GLU A 27 3.33 23.68 -3.49
CA GLU A 27 4.73 24.05 -3.28
C GLU A 27 5.64 22.98 -3.86
N SER A 28 6.92 23.03 -3.52
CA SER A 28 7.88 22.03 -3.97
C SER A 28 7.80 20.82 -3.07
N VAL A 29 7.53 19.65 -3.67
CA VAL A 29 7.75 18.38 -2.99
C VAL A 29 9.14 17.83 -3.26
N ASP A 30 9.91 18.49 -4.11
CA ASP A 30 11.22 17.99 -4.52
C ASP A 30 12.30 18.67 -3.68
N ASN A 31 12.76 18.00 -2.64
CA ASN A 31 13.78 18.53 -1.75
C ASN A 31 14.91 17.52 -1.59
N PHE A 32 16.15 18.04 -1.60
CA PHE A 32 17.41 17.32 -1.32
C PHE A 32 17.67 16.15 -2.28
N GLY A 33 17.26 16.30 -3.53
CA GLY A 33 17.49 15.29 -4.53
C GLY A 33 16.43 14.21 -4.61
N ILE A 34 15.46 14.21 -3.71
CA ILE A 34 14.33 13.28 -3.81
C ILE A 34 13.11 14.12 -4.17
N THR A 35 12.34 13.64 -5.14
CA THR A 35 10.96 14.06 -5.23
C THR A 35 10.06 12.89 -4.83
N PHE A 36 8.98 13.19 -4.12
CA PHE A 36 8.02 12.19 -3.70
C PHE A 36 6.72 12.45 -4.46
N MET A 37 6.49 11.70 -5.52
CA MET A 37 5.21 11.71 -6.20
C MET A 37 4.96 10.32 -6.73
N HIS A 38 3.93 9.66 -6.20
CA HIS A 38 3.68 8.26 -6.44
C HIS A 38 2.26 8.07 -6.97
N TRP A 39 2.14 7.71 -8.23
CA TRP A 39 0.83 7.47 -8.81
C TRP A 39 0.34 6.07 -8.47
N TYR A 40 -0.97 5.89 -8.45
CA TYR A 40 -1.56 4.63 -8.00
C TYR A 40 -2.77 4.33 -8.89
N GLN A 41 -2.80 3.17 -9.54
CA GLN A 41 -3.91 2.80 -10.40
C GLN A 41 -4.89 1.94 -9.62
N GLN A 42 -6.17 2.33 -9.60
CA GLN A 42 -7.15 1.62 -8.79
C GLN A 42 -8.39 1.32 -9.62
N LYS A 43 -8.52 0.08 -10.04
CA LYS A 43 -9.77 -0.41 -10.63
C LYS A 43 -10.79 -0.62 -9.51
N PRO A 44 -12.10 -0.54 -9.81
CA PRO A 44 -13.10 -0.83 -8.77
C PRO A 44 -13.19 -2.30 -8.42
N GLY A 45 -13.24 -2.59 -7.12
CA GLY A 45 -13.19 -3.95 -6.63
C GLY A 45 -11.76 -4.45 -6.56
N GLN A 46 -10.82 -3.53 -6.34
CA GLN A 46 -9.41 -3.82 -6.41
C GLN A 46 -8.68 -2.73 -5.63
N PRO A 47 -7.85 -3.07 -4.65
CA PRO A 47 -6.99 -2.07 -4.01
C PRO A 47 -5.87 -1.65 -4.94
N PRO A 48 -5.32 -0.39 -4.81
CA PRO A 48 -4.36 0.12 -5.81
C PRO A 48 -3.02 -0.57 -5.93
N LYS A 49 -2.81 -1.18 -7.10
CA LYS A 49 -1.50 -1.69 -7.49
C LYS A 49 -0.59 -0.50 -7.77
N LEU A 50 0.64 -0.58 -7.26
CA LEU A 50 1.57 0.55 -7.27
C LEU A 50 2.10 0.83 -8.67
N LEU A 51 2.24 2.11 -8.98
CA LEU A 51 2.75 2.58 -10.26
C LEU A 51 4.01 3.35 -9.92
N ILE A 52 4.35 4.33 -10.76
CA ILE A 52 5.61 5.07 -10.79
C ILE A 52 5.84 5.79 -9.46
N TYR A 53 6.82 5.29 -8.70
CA TYR A 53 7.15 5.77 -7.37
C TYR A 53 8.52 6.43 -7.37
N ARG A 54 8.65 7.47 -6.53
CA ARG A 54 9.68 8.52 -6.56
C ARG A 54 9.86 9.17 -7.95
N ALA A 55 8.74 9.31 -8.70
CA ALA A 55 8.57 10.00 -9.99
C ALA A 55 9.34 9.39 -11.19
N SER A 56 10.02 8.26 -11.00
CA SER A 56 10.74 7.65 -12.12
C SER A 56 10.49 6.14 -12.22
N ASN A 57 10.41 5.48 -11.07
CA ASN A 57 10.62 4.03 -11.03
C ASN A 57 9.34 3.29 -11.35
N LEU A 58 9.27 2.72 -12.55
CA LEU A 58 8.23 1.75 -12.87
C LEU A 58 8.51 0.47 -12.11
N GLU A 59 7.52 0.00 -11.37
CA GLU A 59 7.69 -1.21 -10.57
C GLU A 59 7.68 -2.45 -11.47
N SER A 60 8.44 -3.47 -11.06
CA SER A 60 8.51 -4.73 -11.81
C SER A 60 7.22 -5.52 -11.69
N GLY A 61 6.67 -5.92 -12.84
CA GLY A 61 5.37 -6.54 -12.91
C GLY A 61 4.31 -5.67 -13.54
N VAL A 62 4.60 -4.40 -13.73
CA VAL A 62 3.72 -3.43 -14.37
C VAL A 62 4.15 -3.32 -15.83
N PRO A 63 3.23 -3.20 -16.79
CA PRO A 63 3.62 -3.01 -18.19
C PRO A 63 4.34 -1.70 -18.46
N ALA A 64 5.09 -1.67 -19.56
CA ALA A 64 5.92 -0.52 -19.93
C ALA A 64 5.20 0.48 -20.82
N ARG A 65 3.87 0.51 -20.75
CA ARG A 65 3.11 1.56 -21.42
C ARG A 65 3.26 2.90 -20.68
N PHE A 66 3.46 2.83 -19.37
CA PHE A 66 3.32 3.98 -18.48
C PHE A 66 4.60 4.80 -18.47
N SER A 67 4.46 6.13 -18.50
CA SER A 67 5.60 7.04 -18.49
C SER A 67 5.24 8.30 -17.69
N GLY A 68 5.72 8.39 -16.46
CA GLY A 68 5.38 9.49 -15.58
C GLY A 68 6.52 10.44 -15.23
N SER A 69 6.28 11.74 -15.39
CA SER A 69 7.32 12.75 -15.21
C SER A 69 6.97 13.69 -14.06
N GLY A 70 7.78 13.62 -13.01
CA GLY A 70 7.60 14.44 -11.83
C GLY A 70 8.65 15.53 -11.67
N SER A 71 8.29 16.58 -10.94
CA SER A 71 9.10 17.79 -10.84
C SER A 71 8.89 18.46 -9.50
N ARG A 72 9.17 19.76 -9.41
CA ARG A 72 8.75 20.56 -8.28
C ARG A 72 7.40 21.21 -8.45
N THR A 73 6.83 21.23 -9.66
CA THR A 73 5.50 21.77 -9.86
C THR A 73 4.55 20.90 -10.69
N ASP A 74 5.06 20.22 -11.73
CA ASP A 74 4.20 19.65 -12.76
C ASP A 74 4.42 18.15 -12.86
N PHE A 75 3.33 17.39 -12.80
CA PHE A 75 3.35 15.94 -12.59
C PHE A 75 2.43 15.28 -13.63
N THR A 76 2.96 14.99 -14.80
CA THR A 76 2.13 14.36 -15.82
C THR A 76 2.19 12.84 -15.68
N LEU A 77 1.10 12.19 -16.07
CA LEU A 77 1.04 10.73 -16.21
C LEU A 77 0.43 10.49 -17.58
N THR A 78 1.27 10.13 -18.54
CA THR A 78 0.77 9.88 -19.90
C THR A 78 0.83 8.38 -20.19
N ILE A 79 -0.22 7.88 -20.84
CA ILE A 79 -0.28 6.47 -21.28
C ILE A 79 -0.52 6.51 -22.78
N ASN A 80 0.50 6.12 -23.54
CA ASN A 80 0.34 6.19 -24.99
C ASN A 80 -0.45 5.04 -25.61
N PRO A 81 -0.13 3.69 -25.38
CA PRO A 81 -1.03 2.68 -25.96
C PRO A 81 -2.12 2.24 -25.00
N VAL A 82 -3.23 2.98 -24.85
CA VAL A 82 -4.25 2.58 -23.89
C VAL A 82 -5.06 1.42 -24.44
N GLU A 83 -5.51 0.57 -23.53
CA GLU A 83 -6.17 -0.68 -23.84
C GLU A 83 -7.58 -0.64 -23.26
N ALA A 84 -8.32 -1.70 -23.49
CA ALA A 84 -9.71 -1.73 -23.05
C ALA A 84 -9.84 -2.01 -21.56
N ASN A 85 -8.82 -2.55 -20.91
CA ASN A 85 -8.90 -2.91 -19.49
C ASN A 85 -8.25 -1.88 -18.59
N ASP A 86 -8.22 -0.63 -19.00
CA ASP A 86 -7.59 0.44 -18.23
C ASP A 86 -8.59 1.31 -17.49
N THR A 87 -9.83 0.88 -17.37
CA THR A 87 -10.92 1.72 -16.88
C THR A 87 -10.85 1.92 -15.36
N ALA A 88 -9.99 2.83 -14.91
CA ALA A 88 -9.67 2.89 -13.49
C ALA A 88 -9.47 4.33 -13.07
N ASN A 89 -9.38 4.53 -11.76
CA ASN A 89 -9.00 5.80 -11.19
C ASN A 89 -7.49 5.90 -11.05
N TYR A 90 -6.97 7.10 -11.23
CA TYR A 90 -5.52 7.31 -11.28
C TYR A 90 -5.15 8.40 -10.29
N TYR A 91 -4.93 7.99 -9.04
CA TYR A 91 -4.61 8.91 -7.97
C TYR A 91 -3.16 9.37 -8.04
N CYS A 92 -2.89 10.55 -7.48
CA CYS A 92 -1.53 10.98 -7.20
C CYS A 92 -1.35 11.05 -5.69
N GLN A 93 -0.10 10.99 -5.24
CA GLN A 93 0.21 10.95 -3.82
C GLN A 93 1.61 11.49 -3.60
N GLN A 94 1.74 12.46 -2.69
CA GLN A 94 3.06 12.94 -2.30
C GLN A 94 3.44 12.37 -0.95
N SER A 95 4.74 12.46 -0.64
CA SER A 95 5.21 12.10 0.69
C SER A 95 6.38 12.94 1.15
N SER A 96 6.45 14.22 0.74
CA SER A 96 7.63 15.03 1.06
C SER A 96 7.59 15.51 2.49
N LYS A 97 6.55 16.23 2.87
CA LYS A 97 6.34 16.59 4.26
C LYS A 97 5.69 15.42 5.00
N ASP A 98 5.63 15.55 6.32
CA ASP A 98 5.01 14.52 7.15
C ASP A 98 3.49 14.37 6.99
N PRO A 99 2.69 15.39 6.63
CA PRO A 99 1.39 15.05 6.02
C PRO A 99 1.57 14.38 4.66
N ARG A 100 0.81 13.31 4.47
CA ARG A 100 0.95 12.41 3.35
C ARG A 100 -0.41 12.30 2.69
N THR A 101 -0.99 13.45 2.37
CA THR A 101 -2.28 13.47 1.71
C THR A 101 -2.14 13.17 0.23
N PHE A 102 -3.19 12.56 -0.31
CA PHE A 102 -3.26 12.06 -1.67
C PHE A 102 -3.75 13.14 -2.60
N GLY A 103 -4.18 12.73 -3.78
CA GLY A 103 -4.97 13.60 -4.62
C GLY A 103 -6.45 13.47 -4.30
N GLN A 104 -7.26 13.45 -5.36
CA GLN A 104 -8.66 13.12 -5.18
C GLN A 104 -9.19 12.18 -6.27
N GLY A 105 -8.44 11.97 -7.33
CA GLY A 105 -8.81 11.01 -8.35
C GLY A 105 -9.19 11.64 -9.67
N THR A 106 -9.37 10.79 -10.67
CA THR A 106 -9.81 11.18 -12.00
C THR A 106 -10.48 9.96 -12.63
N LYS A 107 -11.74 10.10 -13.01
CA LYS A 107 -12.50 8.98 -13.59
C LYS A 107 -12.15 8.86 -15.06
N LEU A 108 -11.17 8.03 -15.37
CA LEU A 108 -10.88 7.73 -16.77
C LEU A 108 -11.86 6.71 -17.31
N GLU A 109 -12.50 7.04 -18.43
CA GLU A 109 -13.35 6.10 -19.13
C GLU A 109 -12.88 5.94 -20.57
N ILE A 110 -13.44 4.94 -21.25
CA ILE A 110 -12.96 4.51 -22.56
C ILE A 110 -14.03 4.84 -23.59
N LYS A 111 -13.64 5.61 -24.61
CA LYS A 111 -14.58 6.01 -25.65
C LYS A 111 -14.81 4.88 -26.63
N ARG A 112 -16.11 4.60 -26.87
CA ARG A 112 -16.51 3.47 -27.76
C ARG A 112 -17.72 3.89 -28.60
N THR A 113 -17.76 3.47 -29.87
CA THR A 113 -18.83 3.79 -30.81
C THR A 113 -20.16 3.18 -30.39
N VAL A 114 -21.20 3.99 -30.45
CA VAL A 114 -22.40 3.82 -29.63
C VAL A 114 -23.28 2.71 -30.19
N ALA A 115 -23.45 1.65 -29.41
CA ALA A 115 -24.18 0.48 -29.81
C ALA A 115 -25.68 0.69 -29.63
N ALA A 116 -26.44 -0.24 -30.17
CA ALA A 116 -27.88 -0.21 -29.98
C ALA A 116 -28.21 -0.84 -28.63
N PRO A 117 -29.33 -0.47 -28.02
CA PRO A 117 -29.77 -1.22 -26.85
C PRO A 117 -30.39 -2.53 -27.25
N SER A 118 -30.46 -3.44 -26.30
CA SER A 118 -31.28 -4.63 -26.43
C SER A 118 -32.19 -4.63 -25.21
N VAL A 119 -33.46 -4.30 -25.43
CA VAL A 119 -34.37 -4.09 -24.32
C VAL A 119 -35.02 -5.41 -23.94
N PHE A 120 -35.17 -5.63 -22.63
CA PHE A 120 -35.98 -6.73 -22.13
C PHE A 120 -37.00 -6.14 -21.18
N ILE A 121 -38.05 -6.90 -20.90
CA ILE A 121 -39.02 -6.50 -19.88
C ILE A 121 -39.46 -7.77 -19.16
N PHE A 122 -39.63 -7.66 -17.85
CA PHE A 122 -40.01 -8.83 -17.07
C PHE A 122 -41.19 -8.48 -16.19
N PRO A 123 -42.28 -9.26 -16.25
CA PRO A 123 -43.38 -9.05 -15.34
C PRO A 123 -43.03 -9.54 -13.95
N PRO A 124 -43.70 -9.05 -12.91
CA PRO A 124 -43.41 -9.54 -11.56
C PRO A 124 -43.99 -10.94 -11.36
N SER A 125 -43.36 -11.67 -10.45
CA SER A 125 -43.67 -13.08 -10.26
C SER A 125 -44.94 -13.28 -9.47
N ASP A 126 -45.32 -14.54 -9.32
CA ASP A 126 -46.47 -14.87 -8.49
C ASP A 126 -46.12 -14.81 -7.01
N GLU A 127 -44.85 -15.05 -6.68
CA GLU A 127 -44.37 -14.84 -5.32
C GLU A 127 -44.28 -13.36 -4.99
N GLN A 128 -43.99 -12.54 -6.01
CA GLN A 128 -44.00 -11.09 -5.89
C GLN A 128 -45.41 -10.55 -5.65
N LEU A 129 -46.40 -11.07 -6.37
CA LEU A 129 -47.76 -10.58 -6.22
C LEU A 129 -48.46 -11.21 -5.03
N LYS A 130 -47.93 -12.32 -4.49
CA LYS A 130 -48.48 -12.84 -3.25
C LYS A 130 -47.73 -12.34 -2.02
N SER A 131 -46.57 -11.70 -2.19
CA SER A 131 -45.80 -11.24 -1.05
C SER A 131 -45.97 -9.76 -0.75
N GLY A 132 -46.77 -9.02 -1.51
CA GLY A 132 -46.89 -7.60 -1.24
C GLY A 132 -46.70 -6.69 -2.43
N THR A 133 -45.62 -5.94 -2.44
CA THR A 133 -45.32 -5.00 -3.51
C THR A 133 -44.93 -5.71 -4.80
N ALA A 134 -44.99 -4.97 -5.90
CA ALA A 134 -44.66 -5.51 -7.22
C ALA A 134 -43.67 -4.58 -7.93
N SER A 135 -42.94 -5.14 -8.88
CA SER A 135 -41.77 -4.45 -9.42
C SER A 135 -41.52 -4.92 -10.86
N VAL A 136 -41.65 -4.00 -11.80
CA VAL A 136 -41.41 -4.33 -13.24
C VAL A 136 -40.04 -3.76 -13.62
N VAL A 137 -39.18 -4.56 -14.24
CA VAL A 137 -37.81 -4.09 -14.61
C VAL A 137 -37.73 -3.89 -16.12
N CYS A 138 -36.88 -2.97 -16.58
CA CYS A 138 -36.70 -2.72 -18.03
C CYS A 138 -35.22 -2.93 -18.34
N LEU A 139 -34.74 -4.16 -18.21
CA LEU A 139 -33.30 -4.43 -18.41
C LEU A 139 -32.80 -4.06 -19.80
N LEU A 140 -31.82 -3.17 -19.87
CA LEU A 140 -31.19 -2.85 -21.13
C LEU A 140 -29.82 -3.49 -21.18
N ASN A 141 -29.09 -3.25 -22.27
CA ASN A 141 -27.71 -3.69 -22.46
C ASN A 141 -27.03 -2.80 -23.50
N ASN A 142 -25.72 -2.55 -23.31
CA ASN A 142 -24.86 -1.63 -24.10
C ASN A 142 -25.42 -0.21 -24.16
N PHE A 143 -26.20 0.19 -23.14
CA PHE A 143 -27.04 1.41 -23.30
C PHE A 143 -26.64 2.72 -22.61
N TYR A 144 -25.85 2.72 -21.55
CA TYR A 144 -25.67 4.00 -20.82
C TYR A 144 -24.31 4.70 -20.94
N PRO A 145 -23.93 5.37 -22.05
CA PRO A 145 -22.72 6.18 -22.08
C PRO A 145 -23.23 7.54 -21.59
N ARG A 146 -23.77 7.60 -20.37
CA ARG A 146 -24.39 8.84 -19.83
C ARG A 146 -25.37 9.40 -20.85
N GLU A 147 -26.40 8.63 -21.26
CA GLU A 147 -27.25 9.18 -22.29
C GLU A 147 -28.63 9.61 -21.81
N ALA A 148 -29.54 8.66 -21.52
CA ALA A 148 -30.91 9.03 -21.15
C ALA A 148 -31.66 7.94 -20.42
N LYS A 149 -32.95 8.20 -20.20
CA LYS A 149 -33.75 7.53 -19.18
C LYS A 149 -34.78 6.67 -19.88
N VAL A 150 -35.27 5.67 -19.14
CA VAL A 150 -36.52 5.04 -19.47
C VAL A 150 -37.68 5.98 -19.17
N GLN A 151 -38.84 5.66 -19.72
CA GLN A 151 -40.01 6.51 -19.54
C GLN A 151 -41.21 5.60 -19.35
N TRP A 152 -41.83 5.68 -18.18
CA TRP A 152 -42.85 4.71 -17.81
C TRP A 152 -44.23 5.16 -18.25
N LYS A 153 -45.04 4.19 -18.69
CA LYS A 153 -46.39 4.43 -19.22
C LYS A 153 -47.30 3.40 -18.57
N VAL A 154 -48.10 3.84 -17.59
CA VAL A 154 -49.04 2.95 -16.90
C VAL A 154 -50.45 3.30 -17.37
N ASP A 155 -50.97 2.50 -18.31
CA ASP A 155 -52.27 2.65 -18.99
C ASP A 155 -52.44 4.01 -19.65
N ASN A 156 -51.34 4.49 -20.25
CA ASN A 156 -51.08 5.88 -20.65
C ASN A 156 -51.40 6.89 -19.54
N ALA A 157 -50.87 6.63 -18.35
CA ALA A 157 -50.77 7.63 -17.30
C ALA A 157 -49.41 7.46 -16.66
N LEU A 158 -48.60 8.51 -16.69
CA LEU A 158 -47.22 8.43 -16.24
C LEU A 158 -47.15 8.39 -14.71
N GLN A 159 -46.14 7.70 -14.22
CA GLN A 159 -46.04 7.37 -12.81
C GLN A 159 -44.63 7.71 -12.33
N SER A 160 -44.47 8.93 -11.82
CA SER A 160 -43.18 9.36 -11.30
C SER A 160 -43.17 9.29 -9.77
N GLY A 161 -41.98 9.49 -9.21
CA GLY A 161 -41.78 9.39 -7.79
C GLY A 161 -41.40 8.01 -7.29
N ASN A 162 -41.58 6.98 -8.11
CA ASN A 162 -41.36 5.60 -7.71
C ASN A 162 -40.63 4.85 -8.82
N SER A 163 -39.58 5.46 -9.37
CA SER A 163 -38.83 4.85 -10.45
C SER A 163 -37.34 5.12 -10.28
N GLN A 164 -36.62 4.13 -9.77
CA GLN A 164 -35.19 4.26 -9.53
C GLN A 164 -34.43 3.95 -10.82
N GLU A 165 -33.11 4.09 -10.75
CA GLU A 165 -32.21 3.75 -11.84
C GLU A 165 -30.89 3.28 -11.26
N SER A 166 -30.30 2.27 -11.90
CA SER A 166 -29.07 1.65 -11.40
C SER A 166 -28.19 1.40 -12.61
N VAL A 167 -27.06 2.09 -12.69
CA VAL A 167 -26.19 1.90 -13.84
C VAL A 167 -24.99 1.07 -13.43
N THR A 168 -24.64 0.07 -14.25
CA THR A 168 -23.40 -0.64 -14.02
C THR A 168 -22.25 0.14 -14.64
N GLU A 169 -21.04 -0.26 -14.27
CA GLU A 169 -19.84 0.42 -14.72
C GLU A 169 -19.40 -0.14 -16.07
N GLN A 170 -18.31 0.42 -16.59
CA GLN A 170 -17.80 0.03 -17.89
C GLN A 170 -17.13 -1.33 -17.82
N ASP A 171 -17.36 -2.16 -18.83
CA ASP A 171 -16.81 -3.51 -18.85
C ASP A 171 -15.34 -3.48 -19.27
N SER A 172 -14.67 -4.61 -19.09
CA SER A 172 -13.24 -4.68 -19.34
C SER A 172 -12.91 -4.90 -20.81
N LYS A 173 -13.78 -5.55 -21.58
CA LYS A 173 -13.47 -5.88 -22.97
C LYS A 173 -14.44 -5.21 -23.95
N ASP A 174 -15.74 -5.40 -23.80
CA ASP A 174 -16.70 -4.88 -24.77
C ASP A 174 -17.29 -3.53 -24.37
N SER A 175 -17.03 -3.07 -23.13
CA SER A 175 -17.47 -1.79 -22.54
C SER A 175 -18.99 -1.64 -22.55
N THR A 176 -19.66 -2.52 -21.83
CA THR A 176 -21.10 -2.66 -21.92
C THR A 176 -21.74 -2.11 -20.65
N TYR A 177 -22.52 -1.06 -20.80
CA TYR A 177 -23.34 -0.56 -19.72
C TYR A 177 -24.68 -1.27 -19.76
N SER A 178 -25.44 -1.14 -18.68
CA SER A 178 -26.82 -1.63 -18.61
C SER A 178 -27.53 -0.85 -17.52
N LEU A 179 -28.81 -1.15 -17.35
CA LEU A 179 -29.65 -0.32 -16.52
C LEU A 179 -30.86 -1.08 -16.07
N SER A 180 -31.07 -1.18 -14.77
CA SER A 180 -32.36 -1.59 -14.25
C SER A 180 -33.14 -0.34 -13.87
N SER A 181 -34.46 -0.49 -13.81
CA SER A 181 -35.37 0.58 -13.40
C SER A 181 -36.64 -0.07 -12.89
N THR A 182 -36.80 -0.16 -11.59
CA THR A 182 -38.01 -0.77 -11.05
C THR A 182 -39.10 0.27 -10.84
N LEU A 183 -40.34 -0.21 -10.79
CA LEU A 183 -41.50 0.63 -10.47
C LEU A 183 -42.21 -0.10 -9.33
N THR A 184 -42.22 0.54 -8.16
CA THR A 184 -42.76 -0.16 -6.96
C THR A 184 -44.14 0.34 -6.56
N LEU A 185 -45.18 -0.12 -7.25
CA LEU A 185 -46.53 0.16 -6.82
C LEU A 185 -46.94 -0.77 -5.70
N SER A 186 -48.18 -0.63 -5.27
CA SER A 186 -48.74 -1.58 -4.33
C SER A 186 -49.35 -2.77 -5.06
N LYS A 187 -50.09 -3.57 -4.32
CA LYS A 187 -50.94 -4.57 -4.94
C LYS A 187 -52.11 -3.91 -5.65
N ALA A 188 -52.65 -2.84 -5.07
CA ALA A 188 -53.85 -2.19 -5.59
C ALA A 188 -53.55 -1.39 -6.85
N ASP A 189 -52.40 -0.70 -6.88
CA ASP A 189 -52.07 0.08 -8.07
C ASP A 189 -51.49 -0.81 -9.17
N TYR A 190 -51.01 -2.00 -8.82
CA TYR A 190 -50.72 -2.95 -9.89
C TYR A 190 -52.00 -3.58 -10.43
N GLU A 191 -53.00 -3.83 -9.58
CA GLU A 191 -54.23 -4.41 -10.09
C GLU A 191 -55.24 -3.37 -10.57
N LYS A 192 -54.88 -2.09 -10.58
CA LYS A 192 -55.73 -1.05 -11.11
C LYS A 192 -55.65 -0.91 -12.63
N HIS A 193 -54.53 -1.28 -13.24
CA HIS A 193 -54.30 -0.94 -14.64
C HIS A 193 -53.96 -2.18 -15.43
N LYS A 194 -53.87 -2.01 -16.75
CA LYS A 194 -53.73 -3.13 -17.68
C LYS A 194 -52.41 -3.09 -18.45
N VAL A 195 -52.10 -2.01 -19.15
CA VAL A 195 -50.86 -1.95 -19.91
C VAL A 195 -49.77 -1.40 -19.01
N TYR A 196 -48.58 -2.00 -19.06
CA TYR A 196 -47.49 -1.61 -18.17
C TYR A 196 -46.21 -1.43 -18.98
N ALA A 197 -46.31 -0.60 -20.02
CA ALA A 197 -45.18 -0.46 -20.98
C ALA A 197 -44.09 0.50 -20.54
N CYS A 198 -42.93 0.45 -21.21
CA CYS A 198 -41.81 1.38 -20.93
C CYS A 198 -41.24 1.86 -22.26
N GLU A 199 -40.92 3.14 -22.37
CA GLU A 199 -40.37 3.71 -23.63
C GLU A 199 -38.95 4.20 -23.37
N VAL A 200 -37.95 3.45 -23.82
CA VAL A 200 -36.61 3.93 -23.66
C VAL A 200 -36.32 4.91 -24.78
N THR A 201 -35.19 5.61 -24.66
CA THR A 201 -34.69 6.43 -25.76
C THR A 201 -33.18 6.32 -25.77
N HIS A 202 -32.60 6.26 -26.96
CA HIS A 202 -31.15 6.19 -27.07
C HIS A 202 -30.66 7.05 -28.23
N GLN A 203 -29.43 7.55 -28.05
CA GLN A 203 -28.66 8.10 -29.16
C GLN A 203 -28.33 7.03 -30.19
N GLY A 204 -28.06 5.80 -29.75
CA GLY A 204 -27.87 4.69 -30.66
C GLY A 204 -29.14 4.22 -31.34
N LEU A 205 -30.30 4.47 -30.74
CA LEU A 205 -31.58 4.23 -31.38
C LEU A 205 -31.89 5.37 -32.35
N SER A 206 -32.93 5.16 -33.16
CA SER A 206 -33.51 6.27 -33.90
C SER A 206 -35.02 6.30 -33.74
N SER A 207 -35.58 5.31 -33.04
CA SER A 207 -36.99 5.25 -32.71
C SER A 207 -37.13 4.83 -31.26
N PRO A 208 -38.13 5.38 -30.55
CA PRO A 208 -38.36 4.92 -29.17
C PRO A 208 -39.08 3.57 -29.15
N VAL A 209 -38.34 2.51 -28.82
CA VAL A 209 -38.93 1.18 -28.77
C VAL A 209 -39.66 0.98 -27.44
N THR A 210 -40.89 0.51 -27.52
CA THR A 210 -41.76 0.41 -26.36
C THR A 210 -42.17 -1.05 -26.19
N LYS A 211 -41.48 -1.77 -25.32
CA LYS A 211 -41.90 -3.10 -24.94
C LYS A 211 -43.09 -3.01 -24.01
N SER A 212 -43.96 -4.02 -24.06
CA SER A 212 -45.18 -3.98 -23.28
C SER A 212 -45.61 -5.39 -22.94
N PHE A 213 -46.52 -5.47 -21.98
CA PHE A 213 -47.18 -6.72 -21.63
C PHE A 213 -48.51 -6.39 -20.98
N ASN A 214 -49.49 -7.26 -21.18
CA ASN A 214 -50.78 -7.09 -20.55
C ASN A 214 -50.70 -7.53 -19.09
N ARG A 215 -51.70 -7.13 -18.30
CA ARG A 215 -51.74 -7.51 -16.90
C ARG A 215 -52.19 -8.97 -16.79
N GLY A 216 -51.24 -9.85 -16.52
CA GLY A 216 -51.52 -11.25 -16.28
C GLY A 216 -51.86 -12.06 -17.51
N GLU A 217 -51.51 -11.60 -18.70
CA GLU A 217 -51.73 -12.35 -19.93
C GLU A 217 -50.44 -12.72 -20.65
N CYS A 218 -49.30 -12.60 -19.98
CA CYS A 218 -48.00 -12.96 -20.55
C CYS A 218 -47.86 -14.48 -20.65
N GLN B 1 4.90 -16.92 -1.53
CA GLN B 1 4.89 -15.59 -2.13
C GLN B 1 4.35 -14.61 -1.09
N VAL B 2 4.75 -13.34 -1.19
CA VAL B 2 4.35 -12.33 -0.22
C VAL B 2 2.88 -11.95 -0.44
N GLN B 3 2.13 -11.94 0.66
CA GLN B 3 0.70 -11.68 0.61
C GLN B 3 0.28 -11.05 1.92
N LEU B 4 -0.95 -10.54 1.94
CA LEU B 4 -1.57 -9.95 3.12
C LEU B 4 -3.04 -10.30 3.12
N VAL B 5 -3.61 -10.43 4.31
CA VAL B 5 -5.02 -10.81 4.45
C VAL B 5 -5.59 -10.13 5.69
N GLN B 6 -6.69 -9.40 5.49
CA GLN B 6 -7.24 -8.60 6.57
C GLN B 6 -8.68 -9.01 6.84
N SER B 7 -9.23 -8.46 7.91
CA SER B 7 -10.51 -8.95 8.41
C SER B 7 -11.67 -8.39 7.60
N GLY B 8 -12.85 -8.98 7.83
CA GLY B 8 -14.01 -8.72 7.00
C GLY B 8 -14.79 -7.49 7.43
N SER B 9 -15.96 -7.32 6.81
CA SER B 9 -16.73 -6.11 6.99
C SER B 9 -17.49 -6.13 8.30
N GLU B 10 -17.73 -4.92 8.83
CA GLU B 10 -18.24 -4.72 10.18
C GLU B 10 -19.27 -3.60 10.16
N LEU B 11 -20.43 -3.87 10.74
CA LEU B 11 -21.46 -2.84 10.92
C LEU B 11 -21.34 -2.34 12.35
N LYS B 12 -20.93 -1.10 12.50
CA LYS B 12 -20.69 -0.54 13.83
C LYS B 12 -21.83 0.38 14.24
N LYS B 13 -22.01 0.51 15.55
CA LYS B 13 -22.92 1.48 16.11
C LYS B 13 -22.19 2.83 16.26
N PRO B 14 -22.92 3.94 16.44
CA PRO B 14 -22.25 5.17 16.87
C PRO B 14 -21.72 5.06 18.29
N GLY B 15 -20.43 5.37 18.45
CA GLY B 15 -19.76 5.22 19.73
C GLY B 15 -18.89 4.00 19.86
N ALA B 16 -18.93 3.08 18.90
CA ALA B 16 -18.21 1.83 19.03
C ALA B 16 -16.75 2.00 18.58
N SER B 17 -15.95 0.97 18.87
CA SER B 17 -14.52 1.00 18.59
C SER B 17 -14.22 -0.07 17.55
N VAL B 18 -13.68 0.36 16.40
CA VAL B 18 -13.30 -0.59 15.37
C VAL B 18 -11.98 -1.26 15.78
N LYS B 19 -11.79 -2.52 15.36
CA LYS B 19 -10.51 -3.19 15.60
C LYS B 19 -10.18 -4.03 14.36
N VAL B 20 -9.52 -3.41 13.40
CA VAL B 20 -9.16 -4.10 12.17
C VAL B 20 -7.88 -4.90 12.43
N SER B 21 -7.84 -6.12 11.91
CA SER B 21 -6.64 -6.96 12.11
C SER B 21 -6.16 -7.50 10.76
N CYS B 22 -4.86 -7.40 10.50
CA CYS B 22 -4.34 -8.00 9.26
C CYS B 22 -3.63 -9.31 9.60
N LYS B 23 -2.84 -9.85 8.66
CA LYS B 23 -2.03 -11.09 8.85
C LYS B 23 -0.96 -11.08 7.75
N ALA B 24 0.31 -11.11 8.14
CA ALA B 24 1.42 -10.99 7.17
C ALA B 24 2.00 -12.37 6.88
N SER B 25 1.99 -12.76 5.60
CA SER B 25 2.52 -14.09 5.21
C SER B 25 3.50 -13.97 4.05
N GLY B 26 4.52 -14.82 4.03
CA GLY B 26 5.49 -14.82 2.96
C GLY B 26 6.80 -14.11 3.25
N TYR B 27 6.90 -13.42 4.39
CA TYR B 27 8.06 -12.61 4.68
C TYR B 27 8.18 -12.51 6.20
N THR B 28 9.37 -12.17 6.66
CA THR B 28 9.60 -12.05 8.09
C THR B 28 9.05 -10.72 8.62
N PHE B 29 8.40 -10.79 9.78
CA PHE B 29 7.48 -9.74 10.22
C PHE B 29 8.23 -8.51 10.73
N THR B 30 9.47 -8.66 11.14
CA THR B 30 10.18 -7.58 11.82
C THR B 30 10.88 -6.62 10.88
N ASP B 31 10.68 -6.72 9.56
CA ASP B 31 11.51 -5.94 8.66
C ASP B 31 10.87 -4.64 8.21
N TYR B 32 9.56 -4.62 7.95
CA TYR B 32 8.93 -3.46 7.34
C TYR B 32 7.71 -3.02 8.14
N ASN B 33 7.09 -1.92 7.68
CA ASN B 33 6.05 -1.23 8.42
C ASN B 33 4.66 -1.70 7.99
N VAL B 34 3.66 -1.34 8.77
CA VAL B 34 2.27 -1.67 8.48
C VAL B 34 1.41 -0.42 8.54
N HIS B 35 1.25 0.23 7.40
CA HIS B 35 0.51 1.49 7.30
C HIS B 35 -0.99 1.22 7.27
N TRP B 36 -1.77 2.30 7.35
CA TRP B 36 -3.22 2.22 7.13
C TRP B 36 -3.65 3.43 6.30
N ILE B 37 -4.64 3.23 5.44
CA ILE B 37 -5.02 4.17 4.37
C ILE B 37 -6.54 4.12 4.21
N ARG B 38 -7.20 5.27 4.22
CA ARG B 38 -8.65 5.30 4.14
C ARG B 38 -9.15 5.46 2.71
N GLN B 39 -10.40 5.05 2.48
CA GLN B 39 -11.16 5.43 1.29
C GLN B 39 -12.61 5.64 1.72
N ALA B 40 -13.03 6.90 1.77
CA ALA B 40 -14.45 7.22 1.80
C ALA B 40 -15.03 6.98 0.40
N PRO B 41 -16.28 6.53 0.29
CA PRO B 41 -16.77 6.06 -1.03
C PRO B 41 -17.09 7.20 -1.99
N GLY B 42 -16.53 7.09 -3.19
CA GLY B 42 -16.59 8.14 -4.18
C GLY B 42 -15.63 9.28 -3.96
N GLN B 43 -14.72 9.17 -3.00
CA GLN B 43 -13.86 10.25 -2.55
C GLN B 43 -12.40 9.88 -2.77
N GLY B 44 -11.53 10.70 -2.22
CA GLY B 44 -10.11 10.44 -2.30
C GLY B 44 -9.60 9.63 -1.14
N LEU B 45 -8.28 9.48 -1.10
CA LEU B 45 -7.64 8.61 -0.14
C LEU B 45 -6.96 9.42 0.95
N GLU B 46 -6.85 8.84 2.14
CA GLU B 46 -6.46 9.56 3.34
C GLU B 46 -5.60 8.68 4.25
N TRP B 47 -4.41 9.15 4.60
CA TRP B 47 -3.48 8.35 5.39
C TRP B 47 -3.82 8.45 6.87
N ILE B 48 -3.62 7.35 7.60
CA ILE B 48 -3.86 7.31 9.05
C ILE B 48 -2.56 7.39 9.84
N GLY B 49 -1.68 6.41 9.65
CA GLY B 49 -0.48 6.35 10.47
C GLY B 49 0.01 4.93 10.57
N TYR B 50 1.31 4.81 10.83
CA TYR B 50 1.99 3.55 10.60
C TYR B 50 2.69 3.05 11.85
N PHE B 51 2.74 1.73 11.98
CA PHE B 51 3.35 1.04 13.10
C PHE B 51 4.71 0.50 12.68
N TYR B 52 5.61 0.39 13.64
CA TYR B 52 6.90 -0.28 13.44
C TYR B 52 6.95 -1.52 14.31
N PRO B 53 6.97 -2.73 13.75
CA PRO B 53 6.89 -3.94 14.59
C PRO B 53 8.21 -4.42 15.14
N ARG B 54 9.32 -3.70 14.92
CA ARG B 54 10.59 -4.12 15.50
C ARG B 54 10.66 -3.80 16.99
N ASN B 55 10.27 -2.58 17.39
CA ASN B 55 10.26 -2.27 18.81
C ASN B 55 9.04 -1.46 19.25
N GLY B 56 7.93 -1.50 18.51
CA GLY B 56 6.70 -0.86 18.95
C GLY B 56 6.65 0.64 18.84
N ALA B 57 7.06 1.20 17.71
CA ALA B 57 7.28 2.63 17.62
C ALA B 57 6.32 3.28 16.62
N THR B 58 5.29 3.95 17.14
CA THR B 58 4.14 4.39 16.36
C THR B 58 4.26 5.87 15.98
N HIS B 59 3.47 6.28 14.99
CA HIS B 59 3.52 7.62 14.43
C HIS B 59 2.22 7.90 13.69
N TYR B 60 1.42 8.85 14.16
CA TYR B 60 0.10 9.09 13.60
C TYR B 60 0.06 10.38 12.82
N ASN B 61 -1.01 10.54 12.03
CA ASN B 61 -1.31 11.82 11.42
C ASN B 61 -1.92 12.74 12.47
N GLN B 62 -1.82 14.06 12.20
CA GLN B 62 -2.19 15.07 13.18
C GLN B 62 -3.70 15.17 13.39
N LYS B 63 -4.50 14.75 12.41
CA LYS B 63 -5.94 14.73 12.59
C LYS B 63 -6.39 13.56 13.44
N PHE B 64 -5.77 12.39 13.26
CA PHE B 64 -6.23 11.16 13.90
C PHE B 64 -5.49 10.87 15.19
N THR B 65 -4.90 11.88 15.82
CA THR B 65 -4.12 11.67 17.02
C THR B 65 -5.04 11.48 18.22
N GLY B 66 -4.77 10.42 18.97
CA GLY B 66 -5.63 10.05 20.09
C GLY B 66 -6.70 9.04 19.74
N ARG B 67 -7.32 9.20 18.57
CA ARG B 67 -8.32 8.24 18.11
C ARG B 67 -7.67 6.96 17.63
N ALA B 68 -6.53 7.05 16.98
CA ALA B 68 -5.85 5.89 16.41
C ALA B 68 -4.79 5.38 17.38
N VAL B 69 -4.85 4.10 17.71
CA VAL B 69 -3.86 3.45 18.58
C VAL B 69 -3.41 2.15 17.91
N LEU B 70 -2.30 2.22 17.20
CA LEU B 70 -1.80 1.05 16.49
C LEU B 70 -1.08 0.10 17.44
N SER B 71 -1.15 -1.19 17.10
CA SER B 71 -0.45 -2.24 17.84
C SER B 71 -0.12 -3.36 16.87
N ALA B 72 0.54 -4.40 17.39
CA ALA B 72 0.79 -5.62 16.63
C ALA B 72 0.99 -6.79 17.57
N ASP B 73 1.32 -7.94 16.97
CA ASP B 73 1.80 -9.12 17.66
C ASP B 73 2.90 -9.75 16.81
N THR B 74 4.11 -9.82 17.38
CA THR B 74 5.27 -10.27 16.60
C THR B 74 5.27 -11.78 16.43
N SER B 75 4.60 -12.51 17.34
CA SER B 75 4.56 -13.96 17.22
C SER B 75 3.53 -14.41 16.19
N VAL B 76 2.34 -13.79 16.18
CA VAL B 76 1.25 -14.25 15.34
C VAL B 76 1.32 -13.56 13.96
N SER B 77 2.18 -12.52 13.86
CA SER B 77 2.47 -11.70 12.65
C SER B 77 1.21 -11.01 12.12
N THR B 78 0.40 -10.47 13.03
CA THR B 78 -0.82 -9.73 12.70
C THR B 78 -0.67 -8.27 13.09
N ALA B 79 -0.96 -7.36 12.16
CA ALA B 79 -0.98 -5.93 12.44
C ALA B 79 -2.38 -5.50 12.89
N TYR B 80 -2.47 -4.26 13.37
CA TYR B 80 -3.72 -3.79 13.97
C TYR B 80 -3.96 -2.33 13.68
N LEU B 81 -5.14 -1.87 14.09
CA LEU B 81 -5.63 -0.48 14.06
C LEU B 81 -6.84 -0.44 14.97
N GLN B 82 -6.99 0.64 15.73
CA GLN B 82 -8.20 0.83 16.51
C GLN B 82 -8.58 2.30 16.47
N ILE B 83 -9.79 2.60 16.00
CA ILE B 83 -10.37 3.93 16.09
C ILE B 83 -11.61 3.79 16.96
N SER B 84 -11.69 4.58 18.03
CA SER B 84 -12.78 4.44 18.99
C SER B 84 -13.68 5.67 19.02
N SER B 85 -14.85 5.48 19.65
CA SER B 85 -15.96 6.44 19.79
C SER B 85 -16.43 6.97 18.44
N LEU B 86 -16.97 6.05 17.65
CA LEU B 86 -17.28 6.33 16.26
C LEU B 86 -18.58 7.12 16.13
N LYS B 87 -18.80 7.62 14.91
CA LYS B 87 -19.98 8.40 14.57
C LYS B 87 -20.27 8.20 13.08
N ALA B 88 -21.36 8.81 12.62
CA ALA B 88 -21.99 8.43 11.36
C ALA B 88 -21.25 8.91 10.11
N GLU B 89 -20.42 9.94 10.22
CA GLU B 89 -19.72 10.45 9.04
C GLU B 89 -18.52 9.61 8.64
N ASP B 90 -18.08 8.71 9.51
CA ASP B 90 -16.79 8.05 9.38
C ASP B 90 -16.90 6.69 8.67
N THR B 91 -17.94 6.50 7.85
CA THR B 91 -18.09 5.27 7.09
C THR B 91 -17.15 5.30 5.89
N ALA B 92 -16.26 4.34 5.82
CA ALA B 92 -15.19 4.36 4.83
C ALA B 92 -14.66 2.95 4.62
N VAL B 93 -13.70 2.82 3.72
CA VAL B 93 -12.97 1.58 3.49
C VAL B 93 -11.53 1.80 3.94
N TYR B 94 -10.98 0.88 4.73
CA TYR B 94 -9.61 0.95 5.18
C TYR B 94 -8.80 -0.19 4.58
N PHE B 95 -7.52 0.05 4.34
CA PHE B 95 -6.63 -1.02 3.80
C PHE B 95 -5.36 -1.07 4.64
N CYS B 96 -4.81 -2.27 4.87
CA CYS B 96 -3.50 -2.37 5.55
C CYS B 96 -2.45 -2.28 4.44
N ALA B 97 -1.34 -1.60 4.67
CA ALA B 97 -0.39 -1.41 3.54
C ALA B 97 1.05 -1.54 3.99
N ARG B 98 1.86 -2.33 3.26
CA ARG B 98 3.28 -2.42 3.56
C ARG B 98 4.02 -1.59 2.52
N GLY B 99 5.00 -0.82 2.97
CA GLY B 99 5.86 -0.11 2.05
C GLY B 99 7.28 -0.56 2.19
N GLU B 100 8.06 -0.36 1.12
CA GLU B 100 9.47 -0.70 1.16
C GLU B 100 10.24 0.29 2.03
N THR B 101 9.81 1.53 2.03
CA THR B 101 10.21 2.57 2.95
C THR B 101 8.91 3.17 3.45
N PRO B 102 8.94 4.10 4.39
CA PRO B 102 7.86 5.07 4.46
C PRO B 102 7.82 5.93 3.20
N GLY B 103 6.64 6.04 2.62
CA GLY B 103 6.47 6.85 1.42
C GLY B 103 6.21 6.09 0.14
N THR B 104 6.07 4.77 0.19
CA THR B 104 5.72 3.95 -0.95
C THR B 104 4.75 2.93 -0.38
N PHE B 105 3.88 2.33 -1.19
CA PHE B 105 3.03 1.21 -0.76
C PHE B 105 2.91 0.20 -1.90
N PRO B 106 3.76 -0.84 -1.95
CA PRO B 106 3.52 -1.89 -2.95
C PRO B 106 2.50 -2.95 -2.57
N TYR B 107 2.44 -3.39 -1.31
CA TYR B 107 1.64 -4.56 -0.96
C TYR B 107 0.54 -4.19 0.01
N TRP B 108 -0.63 -4.80 -0.19
CA TRP B 108 -1.88 -4.32 0.37
C TRP B 108 -2.71 -5.49 0.88
N GLY B 109 -3.70 -5.16 1.69
CA GLY B 109 -4.74 -6.11 1.99
C GLY B 109 -5.88 -5.99 1.01
N GLN B 110 -6.97 -6.69 1.28
CA GLN B 110 -8.02 -6.75 0.27
C GLN B 110 -9.15 -5.75 0.49
N GLY B 111 -9.28 -5.16 1.68
CA GLY B 111 -10.33 -4.17 1.86
C GLY B 111 -11.29 -4.53 2.98
N THR B 112 -11.71 -3.51 3.73
CA THR B 112 -12.59 -3.68 4.87
C THR B 112 -13.56 -2.52 4.90
N LEU B 113 -14.84 -2.78 4.68
CA LEU B 113 -15.85 -1.74 4.69
C LEU B 113 -16.47 -1.67 6.08
N VAL B 114 -16.35 -0.53 6.72
CA VAL B 114 -16.98 -0.32 8.01
C VAL B 114 -18.04 0.75 7.89
N THR B 115 -19.22 0.47 8.43
CA THR B 115 -20.39 1.31 8.26
C THR B 115 -20.95 1.62 9.62
N VAL B 116 -21.16 2.90 9.91
CA VAL B 116 -21.67 3.34 11.20
C VAL B 116 -23.13 3.73 11.03
N SER B 117 -24.02 2.95 11.64
CA SER B 117 -25.43 3.32 11.75
C SER B 117 -26.02 2.61 12.96
N SER B 118 -27.30 2.87 13.21
CA SER B 118 -27.95 2.31 14.40
C SER B 118 -29.04 1.30 14.09
N ALA B 119 -29.44 1.15 12.83
CA ALA B 119 -30.56 0.29 12.51
C ALA B 119 -30.13 -1.17 12.44
N SER B 120 -31.11 -2.06 12.35
CA SER B 120 -30.83 -3.49 12.39
C SER B 120 -30.59 -4.04 10.99
N THR B 121 -29.82 -5.12 10.92
CA THR B 121 -29.51 -5.76 9.65
C THR B 121 -30.73 -6.52 9.12
N LYS B 122 -30.91 -6.47 7.81
CA LYS B 122 -32.02 -7.16 7.17
C LYS B 122 -31.47 -8.11 6.11
N GLY B 123 -31.83 -9.39 6.25
CA GLY B 123 -31.46 -10.40 5.30
C GLY B 123 -32.27 -10.28 4.04
N PRO B 124 -31.70 -10.65 2.89
CA PRO B 124 -32.38 -10.40 1.62
C PRO B 124 -33.45 -11.44 1.34
N SER B 125 -34.31 -11.10 0.40
CA SER B 125 -35.33 -12.01 -0.11
C SER B 125 -35.10 -12.12 -1.61
N VAL B 126 -35.39 -13.27 -2.17
CA VAL B 126 -35.10 -13.51 -3.57
C VAL B 126 -36.38 -13.52 -4.37
N PHE B 127 -36.26 -13.18 -5.64
CA PHE B 127 -37.40 -13.28 -6.54
C PHE B 127 -36.95 -13.88 -7.85
N PRO B 128 -37.61 -14.93 -8.34
CA PRO B 128 -37.30 -15.42 -9.68
C PRO B 128 -37.82 -14.48 -10.75
N LEU B 129 -36.90 -13.73 -11.32
CA LEU B 129 -37.21 -12.86 -12.44
C LEU B 129 -37.23 -13.75 -13.67
N ALA B 130 -38.44 -14.15 -14.07
CA ALA B 130 -38.70 -15.26 -14.99
C ALA B 130 -38.24 -14.91 -16.41
N PRO B 131 -37.90 -15.90 -17.24
CA PRO B 131 -37.48 -15.57 -18.62
C PRO B 131 -38.65 -15.17 -19.52
N SER B 132 -38.30 -14.81 -20.76
CA SER B 132 -39.26 -14.26 -21.69
C SER B 132 -40.17 -15.35 -22.24
N SER B 133 -41.46 -15.22 -21.92
CA SER B 133 -42.44 -16.22 -22.33
C SER B 133 -42.75 -16.13 -23.83
N LYS B 134 -42.63 -14.93 -24.40
CA LYS B 134 -42.50 -14.81 -25.85
C LYS B 134 -41.04 -15.14 -26.15
N SER B 135 -40.80 -16.42 -26.47
CA SER B 135 -39.44 -16.93 -26.59
C SER B 135 -38.97 -16.80 -28.04
N THR B 136 -38.59 -15.57 -28.41
CA THR B 136 -38.02 -15.27 -29.74
C THR B 136 -36.91 -14.25 -29.51
N SER B 137 -35.69 -14.77 -29.35
CA SER B 137 -34.52 -13.89 -29.26
C SER B 137 -33.28 -14.47 -29.92
N GLY B 138 -33.37 -15.60 -30.60
CA GLY B 138 -32.15 -16.26 -31.06
C GLY B 138 -31.52 -17.00 -29.90
N GLY B 139 -30.30 -16.61 -29.58
CA GLY B 139 -29.65 -17.14 -28.40
C GLY B 139 -29.47 -16.14 -27.28
N THR B 140 -30.14 -14.99 -27.35
CA THR B 140 -30.05 -13.96 -26.32
C THR B 140 -31.27 -13.96 -25.40
N ALA B 141 -31.50 -15.02 -24.64
CA ALA B 141 -32.55 -15.00 -23.63
C ALA B 141 -31.94 -14.75 -22.26
N ALA B 142 -32.78 -14.37 -21.29
CA ALA B 142 -32.28 -13.95 -19.99
C ALA B 142 -33.32 -14.18 -18.92
N LEU B 143 -32.85 -14.58 -17.74
CA LEU B 143 -33.72 -14.68 -16.55
C LEU B 143 -32.88 -14.09 -15.42
N GLY B 144 -33.47 -13.73 -14.29
CA GLY B 144 -32.66 -13.06 -13.25
C GLY B 144 -33.13 -13.37 -11.84
N CYS B 145 -32.58 -12.65 -10.87
CA CYS B 145 -33.02 -12.84 -9.47
C CYS B 145 -33.24 -11.48 -8.82
N LEU B 146 -34.49 -11.05 -8.71
CA LEU B 146 -34.80 -9.76 -8.07
C LEU B 146 -34.52 -9.88 -6.58
N VAL B 147 -33.42 -9.31 -6.12
CA VAL B 147 -33.02 -9.33 -4.72
C VAL B 147 -33.27 -7.96 -4.10
N LYS B 148 -33.92 -7.94 -2.95
CA LYS B 148 -34.21 -6.69 -2.27
C LYS B 148 -33.62 -6.74 -0.87
N ASP B 149 -33.69 -5.58 -0.19
CA ASP B 149 -33.62 -5.43 1.28
C ASP B 149 -32.28 -5.85 1.91
N TYR B 150 -31.23 -5.09 1.65
CA TYR B 150 -30.04 -5.19 2.50
C TYR B 150 -30.02 -3.99 3.44
N PHE B 151 -29.75 -4.25 4.72
CA PHE B 151 -29.24 -3.12 5.49
C PHE B 151 -27.71 -2.97 5.44
N PRO B 152 -26.84 -3.98 5.66
CA PRO B 152 -25.41 -3.72 5.40
C PRO B 152 -25.12 -3.90 3.92
N GLU B 153 -24.02 -3.30 3.47
CA GLU B 153 -23.79 -3.19 2.03
C GLU B 153 -23.33 -4.48 1.30
N PRO B 154 -22.19 -5.14 1.59
CA PRO B 154 -21.61 -6.00 0.54
C PRO B 154 -22.18 -7.41 0.47
N VAL B 155 -22.55 -7.80 -0.76
CA VAL B 155 -23.02 -9.14 -1.08
C VAL B 155 -22.42 -9.58 -2.40
N THR B 156 -22.22 -10.90 -2.53
CA THR B 156 -21.66 -11.47 -3.78
C THR B 156 -22.54 -12.65 -4.17
N VAL B 157 -23.72 -12.39 -4.75
CA VAL B 157 -24.66 -13.48 -5.16
C VAL B 157 -23.87 -14.51 -5.97
N SER B 158 -23.83 -15.77 -5.50
CA SER B 158 -23.02 -16.81 -6.18
C SER B 158 -23.74 -17.37 -7.41
N TRP B 159 -25.00 -16.97 -7.64
CA TRP B 159 -25.80 -17.54 -8.76
C TRP B 159 -25.69 -19.06 -8.71
N ASN B 160 -25.14 -19.71 -9.74
CA ASN B 160 -25.09 -21.19 -9.75
C ASN B 160 -23.86 -21.67 -8.98
N SER B 161 -23.85 -21.51 -7.64
CA SER B 161 -22.73 -21.95 -6.77
C SER B 161 -21.36 -21.51 -7.34
N GLY B 162 -21.25 -20.28 -7.83
CA GLY B 162 -19.95 -19.77 -8.33
C GLY B 162 -19.70 -20.11 -9.79
N ALA B 163 -20.11 -21.32 -10.22
CA ALA B 163 -19.85 -21.77 -11.61
C ALA B 163 -20.35 -20.73 -12.62
N LEU B 164 -21.61 -20.29 -12.48
CA LEU B 164 -22.15 -19.25 -13.38
C LEU B 164 -21.32 -17.97 -13.23
N THR B 165 -20.57 -17.60 -14.28
CA THR B 165 -19.75 -16.36 -14.25
C THR B 165 -20.02 -15.58 -15.54
N SER B 166 -20.18 -16.28 -16.66
CA SER B 166 -20.42 -15.60 -17.98
C SER B 166 -21.90 -15.28 -18.16
N GLY B 167 -22.24 -14.01 -18.45
CA GLY B 167 -23.64 -13.55 -18.57
C GLY B 167 -24.13 -12.85 -17.32
N VAL B 168 -23.57 -13.20 -16.15
CA VAL B 168 -24.01 -12.61 -14.86
C VAL B 168 -23.88 -11.08 -14.92
N HIS B 169 -25.02 -10.38 -14.98
CA HIS B 169 -24.98 -8.90 -14.95
C HIS B 169 -25.55 -8.42 -13.62
N THR B 170 -24.70 -8.38 -12.59
CA THR B 170 -25.13 -7.90 -11.24
C THR B 170 -25.06 -6.38 -11.19
N PHE B 171 -26.03 -5.74 -10.52
CA PHE B 171 -26.09 -4.26 -10.49
C PHE B 171 -25.51 -3.78 -9.15
N PRO B 172 -25.16 -2.48 -8.97
CA PRO B 172 -24.70 -2.00 -7.65
C PRO B 172 -25.82 -2.07 -6.62
N ALA B 173 -25.48 -2.23 -5.34
CA ALA B 173 -26.50 -2.22 -4.26
C ALA B 173 -27.03 -0.80 -4.11
N VAL B 174 -28.01 -0.41 -4.95
CA VAL B 174 -28.50 1.00 -4.95
C VAL B 174 -29.59 1.14 -3.87
N LEU B 175 -29.49 2.16 -3.03
CA LEU B 175 -30.51 2.43 -1.99
C LEU B 175 -31.86 2.64 -2.68
N GLN B 176 -32.84 1.78 -2.38
CA GLN B 176 -34.20 1.92 -2.96
C GLN B 176 -34.97 2.96 -2.16
N SER B 177 -36.07 3.48 -2.70
CA SER B 177 -36.86 4.51 -1.98
C SER B 177 -37.15 4.02 -0.56
N SER B 178 -37.50 2.74 -0.38
CA SER B 178 -37.87 2.24 0.97
C SER B 178 -36.80 2.59 2.00
N GLY B 179 -35.52 2.39 1.65
CA GLY B 179 -34.44 2.79 2.57
C GLY B 179 -33.37 1.72 2.71
N LEU B 180 -33.59 0.57 2.06
CA LEU B 180 -32.57 -0.52 2.08
C LEU B 180 -31.85 -0.52 0.73
N TYR B 181 -31.03 -1.53 0.44
CA TYR B 181 -30.39 -1.60 -0.91
C TYR B 181 -30.97 -2.77 -1.70
N SER B 182 -30.91 -2.70 -3.05
CA SER B 182 -31.46 -3.77 -3.92
C SER B 182 -30.81 -3.72 -5.31
N LEU B 183 -30.63 -4.88 -5.96
CA LEU B 183 -30.08 -4.91 -7.35
C LEU B 183 -30.78 -6.03 -8.13
N SER B 184 -30.40 -6.26 -9.37
CA SER B 184 -31.06 -7.30 -10.20
C SER B 184 -30.03 -8.18 -10.89
N SER B 185 -29.41 -9.09 -10.13
CA SER B 185 -28.41 -10.02 -10.73
C SER B 185 -29.09 -10.90 -11.77
N VAL B 186 -28.81 -10.66 -13.05
CA VAL B 186 -29.46 -11.45 -14.14
C VAL B 186 -28.40 -12.29 -14.85
N VAL B 187 -28.79 -13.08 -15.86
CA VAL B 187 -27.80 -13.88 -16.65
C VAL B 187 -28.16 -13.86 -18.13
N THR B 188 -27.30 -13.28 -18.98
CA THR B 188 -27.57 -13.37 -20.43
C THR B 188 -27.04 -14.72 -20.88
N VAL B 189 -27.92 -15.70 -21.06
CA VAL B 189 -27.48 -17.09 -21.39
C VAL B 189 -28.06 -17.54 -22.74
N PRO B 190 -27.49 -18.54 -23.44
CA PRO B 190 -28.09 -19.06 -24.67
C PRO B 190 -29.54 -19.50 -24.41
N SER B 191 -30.45 -19.20 -25.34
CA SER B 191 -31.88 -19.57 -25.17
C SER B 191 -32.02 -21.09 -25.03
N SER B 192 -31.18 -21.85 -25.74
CA SER B 192 -31.19 -23.33 -25.60
C SER B 192 -30.80 -23.70 -24.16
N SER B 193 -29.66 -23.19 -23.68
CA SER B 193 -29.17 -23.53 -22.32
C SER B 193 -30.10 -22.94 -21.25
N LEU B 194 -30.84 -21.88 -21.58
CA LEU B 194 -31.81 -21.29 -20.61
C LEU B 194 -32.80 -22.38 -20.19
N GLY B 195 -33.40 -23.08 -21.17
CA GLY B 195 -34.33 -24.18 -20.85
C GLY B 195 -33.62 -25.41 -20.36
N THR B 196 -32.40 -25.68 -20.85
CA THR B 196 -31.66 -26.91 -20.48
C THR B 196 -31.06 -26.74 -19.08
N GLN B 197 -29.92 -26.04 -18.96
CA GLN B 197 -29.24 -25.90 -17.65
C GLN B 197 -30.15 -25.17 -16.67
N THR B 198 -30.51 -25.83 -15.57
CA THR B 198 -31.35 -25.19 -14.52
C THR B 198 -30.54 -24.07 -13.86
N TYR B 199 -31.12 -22.86 -13.73
CA TYR B 199 -30.34 -21.72 -13.20
C TYR B 199 -30.69 -21.48 -11.73
N ILE B 200 -30.13 -22.32 -10.84
CA ILE B 200 -30.37 -22.22 -9.38
C ILE B 200 -29.53 -21.08 -8.82
N CYS B 201 -30.10 -19.88 -8.70
CA CYS B 201 -29.38 -18.74 -8.08
C CYS B 201 -29.25 -18.97 -6.58
N ASN B 202 -28.04 -18.80 -6.03
CA ASN B 202 -27.83 -18.94 -4.58
C ASN B 202 -27.17 -17.65 -4.07
N VAL B 203 -27.80 -16.94 -3.14
CA VAL B 203 -27.25 -15.67 -2.69
C VAL B 203 -26.36 -15.88 -1.47
N ASN B 204 -25.56 -14.87 -1.19
CA ASN B 204 -24.64 -14.91 -0.06
C ASN B 204 -24.62 -13.57 0.64
N HIS B 205 -25.19 -13.53 1.85
CA HIS B 205 -25.14 -12.32 2.68
C HIS B 205 -24.49 -12.71 4.01
N LYS B 206 -23.26 -12.26 4.21
CA LYS B 206 -22.44 -12.72 5.33
C LYS B 206 -22.79 -12.20 6.73
N PRO B 207 -23.22 -10.92 6.98
CA PRO B 207 -23.62 -10.60 8.36
C PRO B 207 -24.98 -11.12 8.80
N SER B 208 -25.78 -11.70 7.91
CA SER B 208 -27.08 -12.22 8.32
C SER B 208 -27.11 -13.72 8.47
N ASN B 209 -26.06 -14.41 7.98
CA ASN B 209 -25.98 -15.87 7.78
C ASN B 209 -27.18 -16.41 6.99
N THR B 210 -27.39 -15.84 5.81
CA THR B 210 -28.52 -16.20 4.95
C THR B 210 -28.01 -16.76 3.64
N LYS B 211 -28.46 -17.96 3.31
CA LYS B 211 -27.89 -18.78 2.24
C LYS B 211 -29.01 -19.43 1.43
N VAL B 212 -29.97 -18.64 0.95
CA VAL B 212 -31.15 -19.22 0.31
C VAL B 212 -30.86 -19.52 -1.16
N ASP B 213 -31.72 -20.35 -1.74
CA ASP B 213 -31.59 -20.83 -3.12
C ASP B 213 -32.91 -20.65 -3.86
N LYS B 214 -32.82 -20.49 -5.19
CA LYS B 214 -33.99 -20.44 -6.06
C LYS B 214 -33.58 -20.80 -7.49
N LYS B 215 -34.35 -21.70 -8.11
CA LYS B 215 -34.12 -22.08 -9.50
C LYS B 215 -34.58 -20.99 -10.47
N GLN C 1 46.03 10.66 30.87
CA GLN C 1 44.67 10.16 31.01
C GLN C 1 43.69 11.08 30.32
N GLN C 2 43.44 12.23 30.94
CA GLN C 2 42.64 13.27 30.33
C GLN C 2 43.34 13.90 29.14
N TRP C 3 44.65 14.03 29.25
CA TRP C 3 45.43 14.93 28.41
C TRP C 3 45.94 14.18 27.18
N SER C 4 46.83 14.84 26.42
CA SER C 4 47.62 14.30 25.30
C SER C 4 46.74 13.81 24.14
N GLY C 5 45.61 14.47 23.95
CA GLY C 5 44.70 14.16 22.88
C GLY C 5 43.96 15.39 22.42
N PRO C 6 43.48 15.39 21.17
CA PRO C 6 42.59 16.47 20.74
C PRO C 6 41.22 16.26 21.34
N GLY C 7 40.68 17.33 21.91
CA GLY C 7 39.47 17.24 22.70
C GLY C 7 38.19 17.16 21.87
N THR C 8 37.10 17.57 22.50
CA THR C 8 35.79 17.55 21.87
C THR C 8 35.72 18.68 20.85
N THR C 9 35.02 18.45 19.74
CA THR C 9 34.90 19.47 18.72
C THR C 9 33.91 20.54 19.13
N LYS C 10 33.93 21.65 18.41
CA LYS C 10 32.99 22.73 18.71
C LYS C 10 31.63 22.43 18.11
N ARG C 11 30.60 23.04 18.72
CA ARG C 11 29.17 22.94 18.37
C ARG C 11 28.65 21.49 18.38
N PHE C 12 28.95 20.78 19.46
CA PHE C 12 28.55 19.39 19.64
C PHE C 12 27.03 19.14 19.69
N PRO C 13 26.19 19.79 20.56
CA PRO C 13 24.75 19.43 20.52
C PRO C 13 24.00 20.02 19.34
N GLU C 14 24.50 21.11 18.76
CA GLU C 14 23.90 21.68 17.57
C GLU C 14 24.19 20.83 16.34
N THR C 15 25.38 20.24 16.26
CA THR C 15 25.67 19.36 15.12
C THR C 15 24.99 17.99 15.27
N VAL C 16 24.79 17.53 16.52
CA VAL C 16 24.01 16.30 16.77
C VAL C 16 22.53 16.51 16.44
N LEU C 17 21.96 17.66 16.81
CA LEU C 17 20.56 17.96 16.50
C LEU C 17 20.34 18.25 15.01
N ALA C 18 21.32 18.88 14.35
CA ALA C 18 21.20 19.16 12.92
C ALA C 18 21.36 17.90 12.08
N ARG C 19 22.40 17.12 12.41
CA ARG C 19 22.74 15.93 11.58
C ARG C 19 21.53 15.01 11.47
N CYS C 20 20.99 14.55 12.59
CA CYS C 20 19.90 13.56 12.44
C CYS C 20 18.59 14.27 12.06
N VAL C 21 18.55 15.60 12.16
CA VAL C 21 17.34 16.31 11.65
C VAL C 21 17.41 16.12 10.14
N LYS C 22 18.61 16.18 9.56
CA LYS C 22 18.75 15.88 8.12
C LYS C 22 18.38 14.41 7.95
N TYR C 23 18.54 13.59 8.99
CA TYR C 23 18.15 12.20 8.71
C TYR C 23 16.65 11.99 8.74
N THR C 24 15.92 12.63 9.65
CA THR C 24 14.46 12.49 9.58
C THR C 24 13.84 13.39 8.52
N GLU C 25 14.58 14.35 7.96
CA GLU C 25 14.09 15.10 6.81
C GLU C 25 14.27 14.34 5.49
N ILE C 26 15.46 13.83 5.20
CA ILE C 26 15.71 13.24 3.90
C ILE C 26 15.17 11.81 3.84
N HIS C 27 15.61 10.97 4.76
CA HIS C 27 15.05 9.62 4.81
C HIS C 27 13.71 9.66 5.53
N PRO C 28 12.66 9.16 4.93
CA PRO C 28 11.43 8.95 5.71
C PRO C 28 11.64 7.74 6.56
N GLU C 29 11.84 7.96 7.85
CA GLU C 29 12.31 6.92 8.74
C GLU C 29 11.14 6.07 9.23
N MET C 30 11.45 4.82 9.60
CA MET C 30 10.49 3.85 10.10
C MET C 30 10.00 4.14 11.53
N ARG C 31 10.60 5.10 12.22
CA ARG C 31 9.94 5.84 13.30
C ARG C 31 10.51 7.25 13.21
N HIS C 32 9.65 8.25 13.13
CA HIS C 32 10.15 9.61 13.20
C HIS C 32 10.42 9.91 14.67
N VAL C 33 11.68 10.21 14.98
CA VAL C 33 12.22 10.15 16.34
C VAL C 33 12.38 11.55 16.92
N ASP C 34 12.59 11.62 18.24
CA ASP C 34 12.84 12.94 18.85
C ASP C 34 14.34 13.21 18.76
N CYS C 35 14.77 14.03 17.79
CA CYS C 35 16.23 14.23 17.62
C CYS C 35 16.80 14.88 18.88
N GLN C 36 16.00 15.66 19.58
CA GLN C 36 16.46 16.26 20.86
C GLN C 36 16.69 15.14 21.87
N SER C 37 15.72 14.23 22.00
CA SER C 37 15.84 13.16 23.03
C SER C 37 16.98 12.22 22.67
N VAL C 38 17.30 12.08 21.38
CA VAL C 38 18.46 11.25 21.01
C VAL C 38 19.69 11.82 21.74
N TRP C 39 19.82 13.14 21.77
CA TRP C 39 20.99 13.78 22.37
C TRP C 39 20.97 13.69 23.90
N ASP C 40 19.79 13.60 24.52
CA ASP C 40 19.71 13.41 25.96
C ASP C 40 20.09 11.98 26.37
N ALA C 41 19.75 10.99 25.54
CA ALA C 41 20.23 9.63 25.79
C ALA C 41 21.71 9.47 25.50
N PHE C 42 22.23 10.25 24.54
CA PHE C 42 23.67 10.32 24.28
C PHE C 42 24.42 10.97 25.44
N LYS C 43 23.80 11.96 26.08
CA LYS C 43 24.40 12.64 27.22
C LYS C 43 24.44 11.72 28.44
N GLY C 44 23.33 11.01 28.67
CA GLY C 44 23.30 10.02 29.72
C GLY C 44 24.10 8.76 29.46
N ALA C 45 24.52 8.52 28.22
CA ALA C 45 25.40 7.38 27.94
C ALA C 45 26.81 7.58 28.46
N PHE C 46 27.39 8.77 28.33
CA PHE C 46 28.81 8.87 28.68
C PHE C 46 29.18 9.99 29.63
N ILE C 47 28.27 10.94 29.91
CA ILE C 47 28.64 12.25 30.45
C ILE C 47 29.05 12.18 31.92
N SER C 48 30.22 12.81 32.19
CA SER C 48 30.90 12.93 33.48
C SER C 48 31.30 11.57 34.03
N LYS C 49 31.86 10.75 33.15
CA LYS C 49 32.40 9.47 33.53
C LYS C 49 33.90 9.46 33.30
N HIS C 50 34.55 8.42 33.84
CA HIS C 50 36.02 8.25 33.67
C HIS C 50 36.26 7.74 32.26
N PRO C 51 37.00 8.48 31.41
CA PRO C 51 37.19 8.08 30.01
C PRO C 51 37.62 6.63 29.80
N CYS C 52 38.60 6.15 30.59
CA CYS C 52 39.13 4.78 30.39
C CYS C 52 38.40 3.77 31.28
N ASN C 53 37.15 4.07 31.67
CA ASN C 53 36.34 3.11 32.45
C ASN C 53 34.95 3.00 31.81
N ILE C 54 34.89 3.03 30.48
CA ILE C 54 33.61 2.99 29.78
C ILE C 54 33.42 1.63 29.13
N THR C 55 32.30 0.97 29.47
CA THR C 55 31.93 -0.33 28.93
C THR C 55 30.82 -0.19 27.89
N GLU C 56 30.30 -1.34 27.45
CA GLU C 56 29.36 -1.35 26.32
C GLU C 56 27.91 -1.23 26.73
N GLU C 57 27.57 -1.50 27.99
CA GLU C 57 26.20 -1.39 28.46
C GLU C 57 25.76 0.04 28.72
N ASP C 58 26.69 1.00 28.71
CA ASP C 58 26.33 2.40 28.81
C ASP C 58 25.69 2.94 27.53
N TYR C 59 25.94 2.30 26.38
CA TYR C 59 25.52 2.82 25.09
C TYR C 59 24.26 2.16 24.54
N GLN C 60 23.84 1.04 25.10
CA GLN C 60 22.62 0.39 24.63
C GLN C 60 21.25 1.09 24.80
N PRO C 61 21.01 2.09 25.69
CA PRO C 61 19.81 2.93 25.49
C PRO C 61 19.78 3.72 24.19
N LEU C 62 20.93 4.22 23.73
CA LEU C 62 21.02 4.82 22.41
C LEU C 62 20.80 3.82 21.30
N MET C 63 21.34 2.60 21.45
CA MET C 63 21.23 1.58 20.41
C MET C 63 19.83 0.98 20.36
N LYS C 64 19.11 1.00 21.48
CA LYS C 64 17.73 0.55 21.43
C LYS C 64 16.79 1.71 21.09
N LEU C 65 17.29 2.94 21.14
CA LEU C 65 16.54 4.07 20.59
C LEU C 65 16.90 4.36 19.13
N GLY C 66 17.78 3.56 18.53
CA GLY C 66 18.09 3.70 17.12
C GLY C 66 18.00 2.41 16.34
N THR C 67 16.99 1.59 16.63
CA THR C 67 16.84 0.25 16.05
C THR C 67 16.38 0.34 14.60
N GLN C 68 17.33 0.10 13.70
CA GLN C 68 17.04 0.04 12.28
C GLN C 68 16.92 -1.40 11.81
N THR C 69 16.50 -1.58 10.56
CA THR C 69 16.45 -2.94 9.96
C THR C 69 17.41 -2.94 8.78
N VAL C 70 18.67 -2.52 9.00
CA VAL C 70 19.69 -2.42 7.91
C VAL C 70 19.53 -3.58 6.92
N PRO C 71 19.11 -3.32 5.67
CA PRO C 71 18.90 -4.38 4.68
C PRO C 71 20.08 -5.36 4.56
N CYS C 72 19.82 -6.65 4.73
CA CYS C 72 20.89 -7.68 4.63
C CYS C 72 21.24 -7.91 3.16
N ASN C 73 22.33 -8.62 2.86
CA ASN C 73 22.81 -8.86 1.46
C ASN C 73 23.45 -7.58 0.92
N LYS C 74 22.70 -6.47 0.89
CA LYS C 74 23.27 -5.16 0.44
C LYS C 74 24.06 -4.55 1.60
N ILE C 75 25.26 -5.08 1.87
CA ILE C 75 26.08 -4.58 3.00
C ILE C 75 27.50 -4.33 2.48
N LEU C 76 28.35 -3.69 3.28
CA LEU C 76 29.74 -3.35 2.84
C LEU C 76 30.62 -3.22 4.09
N LEU C 77 31.75 -3.94 4.16
CA LEU C 77 32.61 -3.74 5.32
C LEU C 77 33.81 -2.91 4.86
N TRP C 78 34.15 -1.90 5.64
CA TRP C 78 35.30 -1.05 5.30
C TRP C 78 36.41 -1.20 6.34
N SER C 79 37.62 -0.82 5.93
CA SER C 79 38.79 -0.82 6.85
C SER C 79 39.87 0.12 6.30
N ARG C 80 40.79 0.56 7.15
CA ARG C 80 41.94 1.41 6.72
C ARG C 80 41.51 2.77 6.14
N ILE C 81 41.44 2.91 4.82
CA ILE C 81 41.16 4.25 4.19
C ILE C 81 39.73 4.71 4.47
N LYS C 82 39.54 6.02 4.65
CA LYS C 82 38.20 6.58 4.93
C LYS C 82 37.71 7.33 3.68
N ASP C 83 38.60 8.06 3.00
CA ASP C 83 38.21 8.79 1.79
C ASP C 83 37.82 7.87 0.66
N LEU C 84 38.58 6.79 0.43
CA LEU C 84 38.20 5.84 -0.61
C LEU C 84 37.07 4.93 -0.16
N ALA C 85 36.90 4.72 1.17
CA ALA C 85 35.70 4.06 1.66
C ALA C 85 34.46 4.94 1.51
N HIS C 86 34.64 6.26 1.62
CA HIS C 86 33.57 7.21 1.32
C HIS C 86 33.24 7.26 -0.16
N GLN C 87 34.24 7.15 -1.04
CA GLN C 87 33.97 7.09 -2.48
C GLN C 87 33.36 5.76 -2.90
N PHE C 88 33.68 4.69 -2.17
CA PHE C 88 33.15 3.38 -2.48
C PHE C 88 31.71 3.24 -1.97
N THR C 89 31.35 3.93 -0.89
CA THR C 89 29.93 3.98 -0.56
C THR C 89 29.19 5.07 -1.32
N GLN C 90 29.88 6.03 -1.94
CA GLN C 90 29.16 6.96 -2.82
C GLN C 90 28.90 6.33 -4.18
N VAL C 91 29.72 5.36 -4.59
CA VAL C 91 29.34 4.56 -5.75
C VAL C 91 28.43 3.40 -5.33
N GLN C 92 28.36 3.11 -4.03
CA GLN C 92 27.66 1.95 -3.53
C GLN C 92 26.63 2.37 -2.48
N ARG C 93 25.76 3.31 -2.83
CA ARG C 93 24.65 3.66 -1.95
C ARG C 93 23.52 2.64 -1.96
N ASP C 94 23.51 1.71 -2.92
CA ASP C 94 22.62 0.56 -2.83
C ASP C 94 23.04 -0.37 -1.69
N MET C 95 24.33 -0.56 -1.48
CA MET C 95 24.85 -1.46 -0.45
C MET C 95 25.18 -0.65 0.79
N PHE C 96 24.28 -0.72 1.79
CA PHE C 96 24.33 0.17 2.94
C PHE C 96 25.44 -0.21 3.92
N THR C 97 26.13 0.82 4.42
CA THR C 97 27.27 0.63 5.30
C THR C 97 27.12 1.40 6.60
N LEU C 98 28.21 1.47 7.38
CA LEU C 98 28.18 2.15 8.67
C LEU C 98 28.24 3.67 8.51
N GLU C 99 28.59 4.17 7.33
CA GLU C 99 28.48 5.61 7.09
C GLU C 99 27.15 5.94 6.41
N ASP C 100 26.28 4.95 6.26
CA ASP C 100 24.91 5.17 5.80
C ASP C 100 23.88 4.78 6.84
N THR C 101 24.30 4.14 7.93
CA THR C 101 23.39 3.81 9.03
C THR C 101 23.06 5.09 9.81
N LEU C 102 21.92 5.07 10.55
CA LEU C 102 21.49 6.16 11.42
C LEU C 102 22.50 6.49 12.52
N LEU C 103 23.09 5.48 13.15
CA LEU C 103 23.98 5.74 14.28
C LEU C 103 25.33 6.24 13.81
N GLY C 104 25.77 5.78 12.63
CA GLY C 104 26.94 6.35 12.00
C GLY C 104 26.71 7.74 11.47
N TYR C 105 25.47 8.04 11.07
CA TYR C 105 25.16 9.39 10.62
C TYR C 105 24.99 10.34 11.79
N LEU C 106 24.68 9.79 12.97
CA LEU C 106 24.75 10.59 14.19
C LEU C 106 26.18 10.94 14.54
N ALA C 107 27.01 9.94 14.83
CA ALA C 107 28.31 10.21 15.44
C ALA C 107 29.46 9.90 14.48
N ASP C 108 29.29 10.27 13.22
CA ASP C 108 30.34 10.16 12.23
C ASP C 108 31.32 11.32 12.37
N ASP C 109 32.63 10.99 12.41
CA ASP C 109 33.79 11.91 12.57
C ASP C 109 33.70 12.79 13.80
N LEU C 110 33.20 12.25 14.90
CA LEU C 110 33.10 12.98 16.14
C LEU C 110 33.90 12.29 17.22
N THR C 111 34.47 13.09 18.11
CA THR C 111 35.13 12.60 19.31
C THR C 111 34.57 13.36 20.50
N TRP C 112 34.48 12.66 21.63
CA TRP C 112 33.91 13.27 22.87
C TRP C 112 34.77 12.86 24.05
N CYS C 113 34.74 13.61 25.16
CA CYS C 113 35.65 13.30 26.30
C CYS C 113 34.92 13.40 27.64
N GLY C 114 35.01 14.54 28.34
CA GLY C 114 34.27 14.73 29.60
C GLY C 114 35.08 14.45 30.86
N GLU C 115 35.16 15.43 31.79
CA GLU C 115 35.85 15.24 33.06
C GLU C 115 34.92 14.51 34.03
N PHE C 116 35.51 13.68 34.88
CA PHE C 116 34.82 12.73 35.75
C PHE C 116 33.97 13.40 36.83
N ASN C 117 34.35 14.60 37.28
CA ASN C 117 33.79 15.18 38.50
C ASN C 117 32.40 15.77 38.31
N THR C 118 32.22 16.64 37.32
CA THR C 118 30.98 17.40 37.23
C THR C 118 30.51 17.48 35.78
N SER C 119 29.35 18.08 35.58
CA SER C 119 28.66 18.08 34.30
C SER C 119 29.26 19.13 33.37
N LYS C 120 30.37 18.77 32.74
CA LYS C 120 30.96 19.63 31.74
C LYS C 120 31.54 18.78 30.63
N ILE C 121 31.58 19.34 29.42
CA ILE C 121 32.31 18.71 28.34
C ILE C 121 33.78 19.06 28.47
N ASN C 122 34.65 18.06 28.42
CA ASN C 122 36.07 18.36 28.33
C ASN C 122 36.34 18.71 26.87
N TYR C 123 36.39 20.01 26.60
CA TYR C 123 36.60 20.47 25.24
C TYR C 123 38.06 20.43 24.81
N GLN C 124 39.00 20.50 25.76
CA GLN C 124 40.43 20.67 25.38
C GLN C 124 41.21 19.36 25.18
N SER C 125 41.17 18.41 26.13
CA SER C 125 42.06 17.22 26.03
C SER C 125 41.30 15.91 25.78
N CYS C 126 42.05 14.83 25.45
CA CYS C 126 41.40 13.56 25.06
C CYS C 126 42.13 12.25 25.46
N PRO C 127 41.46 11.20 26.03
CA PRO C 127 42.10 9.90 26.25
C PRO C 127 42.48 9.22 24.93
N ASP C 128 43.77 9.17 24.59
CA ASP C 128 44.19 8.43 23.35
C ASP C 128 44.15 6.93 23.63
N TRP C 129 44.10 6.09 22.59
CA TRP C 129 43.91 4.67 22.84
C TRP C 129 45.19 3.93 23.21
N ARG C 130 46.26 4.12 22.46
CA ARG C 130 47.54 3.52 22.76
C ARG C 130 48.23 4.22 23.92
N LYS C 131 48.14 5.54 23.97
CA LYS C 131 49.02 6.34 24.81
C LYS C 131 48.46 6.55 26.21
N ASP C 132 47.13 6.60 26.32
CA ASP C 132 46.48 6.68 27.65
C ASP C 132 45.91 5.27 27.90
N CYS C 133 44.75 4.94 27.29
CA CYS C 133 44.12 3.60 27.46
C CYS C 133 43.05 3.35 26.38
N SER C 134 42.90 2.10 25.94
CA SER C 134 41.94 1.78 24.86
C SER C 134 40.56 1.44 25.44
N ASN C 135 39.98 2.34 26.24
CA ASN C 135 38.60 2.11 26.75
C ASN C 135 37.86 3.43 26.56
N ASN C 136 38.41 4.30 25.72
CA ASN C 136 37.77 5.58 25.46
C ASN C 136 36.40 5.38 24.81
N PRO C 137 35.43 6.30 25.05
CA PRO C 137 34.04 6.03 24.62
C PRO C 137 33.80 6.12 23.12
N VAL C 138 34.70 6.77 22.36
CA VAL C 138 34.61 6.78 20.90
C VAL C 138 34.90 5.39 20.32
N SER C 139 35.90 4.69 20.87
CA SER C 139 36.19 3.34 20.42
C SER C 139 35.20 2.34 20.97
N VAL C 140 34.59 2.65 22.13
CA VAL C 140 33.48 1.86 22.66
C VAL C 140 32.26 1.91 21.74
N PHE C 141 31.93 3.11 21.22
CA PHE C 141 30.80 3.26 20.31
C PHE C 141 31.04 2.64 18.94
N TRP C 142 32.27 2.75 18.44
CA TRP C 142 32.57 2.16 17.13
C TRP C 142 32.65 0.64 17.18
N LYS C 143 33.10 0.09 18.33
CA LYS C 143 33.09 -1.36 18.53
C LYS C 143 31.67 -1.90 18.64
N THR C 144 30.76 -1.16 19.30
CA THR C 144 29.38 -1.62 19.47
C THR C 144 28.59 -1.58 18.15
N VAL C 145 28.80 -0.53 17.35
CA VAL C 145 28.02 -0.44 16.13
C VAL C 145 28.61 -1.31 15.01
N SER C 146 29.93 -1.59 15.01
CA SER C 146 30.47 -2.54 14.04
C SER C 146 30.14 -3.98 14.41
N ARG C 147 29.96 -4.28 15.71
CA ARG C 147 29.49 -5.60 16.14
C ARG C 147 28.05 -5.87 15.69
N ARG C 148 27.16 -4.88 15.87
CA ARG C 148 25.75 -5.04 15.48
C ARG C 148 25.57 -5.11 13.96
N PHE C 149 26.33 -4.29 13.23
CA PHE C 149 26.23 -4.28 11.77
C PHE C 149 26.86 -5.50 11.12
N ALA C 150 27.97 -6.01 11.67
CA ALA C 150 28.56 -7.22 11.10
C ALA C 150 27.82 -8.48 11.53
N GLU C 151 27.09 -8.44 12.66
CA GLU C 151 26.27 -9.58 13.02
C GLU C 151 25.02 -9.66 12.16
N ALA C 152 24.37 -8.52 11.91
CA ALA C 152 23.18 -8.54 11.05
C ALA C 152 23.51 -8.48 9.57
N ALA C 153 24.78 -8.64 9.21
CA ALA C 153 25.16 -8.71 7.77
C ALA C 153 24.80 -10.11 7.25
N CYS C 154 24.58 -10.26 5.94
CA CYS C 154 24.12 -11.59 5.42
C CYS C 154 24.47 -11.79 3.94
N ASP C 155 24.39 -13.03 3.43
CA ASP C 155 24.59 -13.33 1.99
C ASP C 155 26.00 -13.05 1.50
N VAL C 156 26.20 -11.94 0.78
CA VAL C 156 27.52 -11.74 0.18
C VAL C 156 28.15 -10.48 0.76
N VAL C 157 29.39 -10.62 1.23
CA VAL C 157 30.15 -9.53 1.82
C VAL C 157 31.17 -9.09 0.77
N HIS C 158 31.43 -7.77 0.69
CA HIS C 158 32.41 -7.24 -0.25
C HIS C 158 33.36 -6.30 0.50
N VAL C 159 34.38 -6.86 1.14
CA VAL C 159 35.30 -6.05 1.96
C VAL C 159 36.34 -5.38 1.07
N MET C 160 36.51 -4.08 1.23
CA MET C 160 37.63 -3.36 0.64
C MET C 160 38.78 -3.35 1.64
N LEU C 161 39.96 -3.80 1.20
CA LEU C 161 41.16 -3.82 2.10
C LEU C 161 42.34 -3.22 1.34
N ASN C 162 42.83 -2.07 1.79
CA ASN C 162 43.96 -1.39 1.10
C ASN C 162 45.25 -2.17 1.37
N GLY C 163 46.29 -1.90 0.58
CA GLY C 163 47.58 -2.56 0.81
C GLY C 163 48.70 -1.54 0.94
N SER C 164 48.35 -0.29 1.25
CA SER C 164 49.39 0.75 1.30
C SER C 164 50.35 0.53 2.46
N ARG C 165 49.91 -0.17 3.50
CA ARG C 165 50.81 -0.51 4.59
C ARG C 165 51.58 -1.78 4.27
N SER C 166 52.60 -2.04 5.09
CA SER C 166 53.28 -3.33 5.02
C SER C 166 52.41 -4.45 5.56
N LYS C 167 51.60 -4.16 6.57
CA LYS C 167 50.58 -5.06 7.07
C LYS C 167 49.29 -4.74 6.30
N ILE C 168 48.93 -5.63 5.37
CA ILE C 168 47.70 -5.43 4.61
C ILE C 168 46.49 -5.72 5.49
N PHE C 169 46.48 -6.88 6.16
CA PHE C 169 45.48 -7.20 7.17
C PHE C 169 46.23 -7.26 8.50
N ASP C 170 46.12 -6.21 9.28
CA ASP C 170 46.64 -6.25 10.64
C ASP C 170 45.68 -7.03 11.53
N LYS C 171 46.22 -7.66 12.55
CA LYS C 171 45.37 -8.46 13.42
C LYS C 171 44.60 -7.60 14.42
N ASN C 172 45.22 -6.55 14.94
CA ASN C 172 44.69 -5.81 16.08
C ASN C 172 43.69 -4.71 15.72
N SER C 173 43.18 -4.68 14.50
CA SER C 173 42.13 -3.73 14.16
C SER C 173 40.78 -4.23 14.63
N THR C 174 39.76 -3.39 14.45
CA THR C 174 38.40 -3.79 14.78
C THR C 174 37.83 -4.81 13.81
N PHE C 175 38.35 -4.84 12.57
CA PHE C 175 38.02 -5.84 11.55
C PHE C 175 38.41 -7.23 12.01
N GLY C 176 39.71 -7.45 12.22
CA GLY C 176 40.21 -8.69 12.77
C GLY C 176 40.02 -8.92 14.24
N SER C 177 39.38 -7.99 14.96
CA SER C 177 38.95 -8.27 16.33
C SER C 177 37.51 -8.71 16.46
N VAL C 178 36.53 -8.07 15.83
CA VAL C 178 35.15 -8.46 16.08
C VAL C 178 34.42 -8.80 14.78
N GLU C 179 34.84 -8.19 13.64
CA GLU C 179 34.09 -8.33 12.39
C GLU C 179 34.30 -9.69 11.75
N VAL C 180 35.54 -10.18 11.69
CA VAL C 180 35.79 -11.48 11.10
C VAL C 180 35.47 -12.64 12.04
N HIS C 181 35.24 -12.37 13.32
CA HIS C 181 34.75 -13.41 14.21
C HIS C 181 33.24 -13.53 14.10
N ASN C 182 32.53 -12.41 14.11
CA ASN C 182 31.08 -12.44 13.85
C ASN C 182 30.79 -11.97 12.42
N LEU C 183 31.28 -12.75 11.46
CA LEU C 183 30.77 -12.62 10.09
C LEU C 183 29.57 -13.51 9.84
N GLN C 184 29.28 -14.46 10.76
CA GLN C 184 28.13 -15.37 10.83
C GLN C 184 27.94 -16.23 9.57
N PRO C 185 28.69 -17.32 9.39
CA PRO C 185 28.65 -18.05 8.11
C PRO C 185 27.43 -18.94 7.85
N GLU C 186 26.38 -18.90 8.68
CA GLU C 186 25.18 -19.64 8.34
C GLU C 186 24.35 -18.89 7.30
N LYS C 187 24.51 -17.57 7.23
CA LYS C 187 23.84 -16.79 6.20
C LYS C 187 24.80 -16.21 5.19
N VAL C 188 26.05 -15.90 5.57
CA VAL C 188 27.00 -15.48 4.57
C VAL C 188 27.63 -16.74 3.98
N GLN C 189 27.80 -16.73 2.66
CA GLN C 189 28.45 -17.85 2.00
C GLN C 189 29.73 -17.39 1.35
N THR C 190 29.65 -16.46 0.41
CA THR C 190 30.84 -16.08 -0.35
C THR C 190 31.31 -14.68 0.02
N LEU C 191 32.63 -14.52 0.04
CA LEU C 191 33.31 -13.38 0.66
C LEU C 191 34.26 -12.78 -0.36
N GLU C 192 33.76 -11.88 -1.19
CA GLU C 192 34.57 -11.27 -2.24
C GLU C 192 35.31 -10.09 -1.66
N ALA C 193 36.38 -10.39 -0.92
CA ALA C 193 37.22 -9.35 -0.34
C ALA C 193 38.12 -8.75 -1.41
N TRP C 194 38.09 -7.44 -1.53
CA TRP C 194 38.65 -6.76 -2.70
C TRP C 194 39.91 -6.00 -2.29
N VAL C 195 41.07 -6.61 -2.57
CA VAL C 195 42.35 -6.02 -2.19
C VAL C 195 42.67 -4.88 -3.14
N ILE C 196 43.34 -3.86 -2.61
CA ILE C 196 43.63 -2.63 -3.35
C ILE C 196 45.13 -2.55 -3.57
N HIS C 197 45.53 -2.25 -4.81
CA HIS C 197 46.95 -2.02 -5.13
C HIS C 197 47.32 -0.55 -5.03
N GLY C 198 46.43 0.31 -4.54
CA GLY C 198 46.76 1.69 -4.32
C GLY C 198 47.68 1.88 -3.12
N GLY C 199 48.44 2.94 -3.14
CA GLY C 199 49.50 3.11 -2.18
C GLY C 199 50.69 2.24 -2.53
N ARG C 200 51.43 1.86 -1.50
CA ARG C 200 52.69 1.13 -1.67
C ARG C 200 52.54 -0.29 -1.14
N GLU C 201 52.59 -1.26 -2.07
CA GLU C 201 52.39 -2.65 -1.71
C GLU C 201 53.62 -3.24 -1.06
N ASP C 202 53.38 -4.15 -0.11
CA ASP C 202 54.46 -4.78 0.65
C ASP C 202 55.23 -5.83 -0.16
N SER C 203 54.56 -6.55 -1.05
CA SER C 203 55.19 -7.67 -1.74
C SER C 203 54.56 -7.94 -3.10
N ARG C 204 55.19 -8.81 -3.88
CA ARG C 204 54.59 -9.38 -5.08
C ARG C 204 53.93 -10.70 -4.71
N ASP C 205 53.39 -11.40 -5.72
CA ASP C 205 52.55 -12.59 -5.48
C ASP C 205 51.26 -12.03 -4.86
N LEU C 206 50.61 -11.07 -5.53
CA LEU C 206 49.42 -10.42 -4.91
C LEU C 206 48.30 -11.45 -4.79
N CYS C 207 47.56 -11.45 -3.67
CA CYS C 207 46.49 -12.46 -3.40
C CYS C 207 47.14 -13.78 -2.98
N GLN C 208 48.47 -13.88 -3.08
CA GLN C 208 49.28 -14.84 -2.30
C GLN C 208 50.09 -14.07 -1.25
N ASP C 209 49.83 -12.77 -1.08
CA ASP C 209 50.44 -12.00 0.00
C ASP C 209 50.06 -12.60 1.35
N PRO C 210 50.94 -12.51 2.38
CA PRO C 210 50.79 -13.40 3.56
C PRO C 210 49.63 -13.10 4.52
N THR C 211 49.23 -11.84 4.69
CA THR C 211 48.12 -11.57 5.63
C THR C 211 46.77 -11.88 5.02
N ILE C 212 46.60 -11.61 3.71
CA ILE C 212 45.39 -12.07 3.05
C ILE C 212 45.43 -13.56 2.76
N LYS C 213 46.60 -14.19 2.76
CA LYS C 213 46.63 -15.64 2.82
C LYS C 213 46.30 -16.17 4.21
N GLU C 214 46.55 -15.38 5.26
CA GLU C 214 46.11 -15.78 6.59
C GLU C 214 44.60 -15.63 6.74
N LEU C 215 44.01 -14.67 6.03
CA LEU C 215 42.56 -14.61 5.99
C LEU C 215 41.97 -15.64 5.03
N GLU C 216 42.71 -16.01 3.99
CA GLU C 216 42.36 -17.12 3.10
C GLU C 216 42.42 -18.47 3.81
N SER C 217 43.31 -18.58 4.80
CA SER C 217 43.18 -19.63 5.80
C SER C 217 41.90 -19.40 6.59
N ILE C 218 40.95 -20.33 6.41
CA ILE C 218 39.57 -20.13 6.84
C ILE C 218 39.49 -20.31 8.34
N ILE C 219 38.95 -19.29 9.01
CA ILE C 219 38.82 -19.29 10.46
C ILE C 219 37.64 -20.17 10.87
N SER C 220 36.57 -20.14 10.08
CA SER C 220 35.40 -20.99 10.32
C SER C 220 35.71 -22.44 9.97
N LYS C 221 35.46 -23.32 10.93
CA LYS C 221 35.72 -24.74 10.74
C LYS C 221 34.56 -25.49 10.10
N ARG C 222 33.49 -24.77 9.76
CA ARG C 222 32.53 -25.18 8.73
C ARG C 222 33.14 -25.08 7.33
N ASN C 223 34.17 -24.23 7.18
CA ASN C 223 34.89 -23.88 5.95
C ASN C 223 33.94 -23.24 4.92
N ILE C 224 33.49 -22.05 5.30
CA ILE C 224 32.81 -21.16 4.36
C ILE C 224 33.85 -20.45 3.47
N GLN C 225 33.37 -19.84 2.38
CA GLN C 225 34.20 -19.50 1.22
C GLN C 225 35.10 -18.28 1.46
N PHE C 226 36.17 -18.18 0.68
CA PHE C 226 37.02 -16.99 0.58
C PHE C 226 37.33 -16.72 -0.87
N SER C 227 37.42 -15.44 -1.22
CA SER C 227 37.78 -15.03 -2.60
C SER C 227 38.55 -13.71 -2.51
N CYS C 228 39.25 -13.31 -3.58
CA CYS C 228 40.08 -12.09 -3.50
C CYS C 228 40.24 -11.45 -4.87
N LYS C 229 39.25 -10.66 -5.32
CA LYS C 229 39.40 -9.94 -6.61
C LYS C 229 40.27 -8.70 -6.36
N ASN C 230 41.10 -8.30 -7.33
CA ASN C 230 42.01 -7.20 -7.09
C ASN C 230 41.51 -5.93 -7.77
N ILE C 231 42.05 -4.80 -7.32
CA ILE C 231 41.87 -3.51 -7.98
C ILE C 231 43.27 -3.01 -8.31
N TYR C 232 43.56 -2.89 -9.62
CA TYR C 232 44.90 -2.49 -10.05
C TYR C 232 45.11 -0.98 -9.95
#